data_6JGR
#
_entry.id   6JGR
#
_cell.length_a   100.471
_cell.length_b   100.471
_cell.length_c   179.807
_cell.angle_alpha   90.00
_cell.angle_beta   90.00
_cell.angle_gamma   90.00
#
_symmetry.space_group_name_H-M   'P 43 21 2'
#
loop_
_entity.id
_entity.type
_entity.pdbx_description
1 polymer 'BETA-D-GLUCAN GLUCOHYDROLASE ISOENZYME EXO1'
2 non-polymer GLYCEROL
3 non-polymer "4'-NITROPHENYL-S-(BETA-D-GLUCOPYRANOSYL)-(1-3)-(3-THIO-BETA-D-GLUCOPYRANOSYL)-(1-3)-BETA-D-GLUCOPYRANOSIDE"
4 non-polymer 'PENTAETHYLENE GLYCOL'
5 non-polymer 'ACETATE ION'
6 water water
#
_entity_poly.entity_id   1
_entity_poly.type   'polypeptide(L)'
_entity_poly.pdbx_seq_one_letter_code
;HHAADYVLYKDATKPVEDRVADLLGRMTLAEKIGQMTQIERLVATPDVLRDNFIGSLLSGGGSVPRKGATAKEWQDMVDG
FQKACMSTRLGIPMIYGIDAVHGQNNVYGATIFPHNVGLGATRDPYLVKRIGEATALEVRATGIQYAFAPCIAVCRDPRW
GRCYESYSEDRRIVQSMTELIPGLQGDVPKDFTSGMPFVAGKNKVAACAKHFVGDGGTVDGINENNTIINREGLMNIHMP
AYKNAMDKGVSTVMISYSSWNGVKMHANQDLVTGYLKDTLKFKGFVISDWEGIDRITTPAGSDYSYSVKASILAGLDMIM
VPNKYQQFISILTGHVNGGVIPMSRIDDAVTRILRVKFTMGLFENPYADPAMAEQLGKQEHRDLAREAARKSLVLLKNGK
TSTDAPLLPLPKKAPKILVAGSHADNLGYQCGGWTIEYQGDTGRTTVGTTILEAVKAAVDPSTVVVFAENPDAEFVKSGG
FSYAIVAVGEHPYTETKGDNLNLTIPEPGLSTVQAVCGGVRCATVLISGRPVVVQPLLAASDALVAAWLPGSEGQGVTDA
LFGDFGFTGRLPRTWFKSVDQLPMNVGDAHYDPLFRLGYGLTTNATKKY
;
_entity_poly.pdbx_strand_id   A
#
loop_
_chem_comp.id
_chem_comp.type
_chem_comp.name
_chem_comp.formula
1PE non-polymer 'PENTAETHYLENE GLYCOL' 'C10 H22 O6'
ACT non-polymer 'ACETATE ION' 'C2 H3 O2 -1'
GOL non-polymer GLYCEROL 'C3 H8 O3'
LAM non-polymer 4'-NITROPHENYL-S-(BETA-D-GLUCOPYRANOSYL)-(1-3)-(3-THIO-BETA-D-GLUCOPYRANOSYL)-(1-3)-BETA-D-GLUCOPYRANOSIDE 'C24 H35 N O17 S'
#
# COMPACT_ATOMS: atom_id res chain seq x y z
N ALA A 4 28.72 21.66 30.87
CA ALA A 4 29.62 20.56 30.46
C ALA A 4 28.83 19.26 30.33
N ASP A 5 27.57 19.24 30.80
CA ASP A 5 26.67 18.08 30.48
C ASP A 5 26.00 18.20 29.07
N TYR A 6 26.58 19.08 28.26
CA TYR A 6 26.21 19.36 26.91
C TYR A 6 26.77 18.24 25.99
N VAL A 7 25.94 17.80 25.06
CA VAL A 7 26.21 16.67 24.20
C VAL A 7 25.63 17.15 22.86
N LEU A 8 26.51 17.31 21.88
CA LEU A 8 26.15 17.87 20.61
C LEU A 8 24.98 17.14 19.96
N TYR A 9 24.96 15.80 19.98
CA TYR A 9 23.87 15.10 19.26
C TYR A 9 22.46 15.41 19.81
N LYS A 10 22.37 15.79 21.08
CA LYS A 10 21.13 16.20 21.68
C LYS A 10 20.76 17.65 21.43
N ASP A 11 21.57 18.40 20.70
CA ASP A 11 21.31 19.82 20.48
C ASP A 11 20.53 19.99 19.18
N ALA A 12 19.27 20.34 19.29
CA ALA A 12 18.39 20.42 18.15
C ALA A 12 18.77 21.53 17.17
N THR A 13 19.72 22.42 17.52
CA THR A 13 20.04 23.54 16.67
C THR A 13 21.16 23.18 15.77
N LYS A 14 21.72 21.97 15.88
CA LYS A 14 22.91 21.64 15.10
C LYS A 14 22.51 21.00 13.81
N PRO A 15 23.30 21.13 12.76
CA PRO A 15 22.99 20.37 11.57
C PRO A 15 23.03 18.83 11.76
N VAL A 16 22.11 18.17 11.04
CA VAL A 16 21.90 16.77 11.02
C VAL A 16 23.22 16.01 10.91
N GLU A 17 24.00 16.29 9.87
CA GLU A 17 25.22 15.53 9.68
C GLU A 17 26.18 15.60 10.86
N ASP A 18 26.18 16.72 11.58
CA ASP A 18 27.04 16.85 12.77
C ASP A 18 26.48 16.05 13.92
N ARG A 19 25.15 16.03 14.06
CA ARG A 19 24.51 15.26 15.11
C ARG A 19 24.72 13.73 14.91
N VAL A 20 24.57 13.28 13.68
CA VAL A 20 24.81 11.91 13.36
C VAL A 20 26.27 11.52 13.70
N ALA A 21 27.24 12.29 13.22
CA ALA A 21 28.67 11.97 13.44
C ALA A 21 29.05 12.02 14.92
N ASP A 22 28.52 12.99 15.64
CA ASP A 22 28.76 13.05 17.06
C ASP A 22 28.22 11.81 17.81
N LEU A 23 27.01 11.44 17.47
CA LEU A 23 26.40 10.31 18.12
C LEU A 23 27.06 9.01 17.69
N LEU A 24 27.35 8.85 16.42
CA LEU A 24 27.95 7.61 15.93
C LEU A 24 29.29 7.29 16.68
N GLY A 25 30.10 8.35 16.92
CA GLY A 25 31.43 8.19 17.42
C GLY A 25 31.39 7.80 18.91
N ARG A 26 30.23 7.91 19.58
CA ARG A 26 30.06 7.46 20.95
C ARG A 26 29.58 6.06 21.11
N MET A 27 29.11 5.46 20.03
CA MET A 27 28.32 4.20 20.12
C MET A 27 29.16 2.92 20.28
N THR A 28 28.74 1.98 21.10
CA THR A 28 29.37 0.66 21.05
C THR A 28 28.92 -0.13 19.81
N LEU A 29 29.63 -1.22 19.52
CA LEU A 29 29.16 -2.18 18.52
C LEU A 29 27.73 -2.65 18.83
N ALA A 30 27.44 -2.93 20.11
CA ALA A 30 26.12 -3.40 20.50
C ALA A 30 25.03 -2.35 20.16
N GLU A 31 25.35 -1.09 20.44
CA GLU A 31 24.46 -0.01 20.19
C GLU A 31 24.30 0.20 18.70
N LYS A 32 25.37 -0.02 17.94
CA LYS A 32 25.28 0.13 16.51
C LYS A 32 24.39 -0.90 15.87
N ILE A 33 24.63 -2.14 16.26
CA ILE A 33 23.86 -3.27 15.72
C ILE A 33 22.42 -3.25 16.20
N GLY A 34 22.19 -2.77 17.42
CA GLY A 34 20.82 -2.48 17.83
C GLY A 34 20.01 -1.58 16.85
N GLN A 35 20.60 -0.45 16.46
CA GLN A 35 20.01 0.46 15.50
C GLN A 35 19.55 -0.20 14.22
N MET A 36 20.32 -1.18 13.81
CA MET A 36 20.15 -1.88 12.54
C MET A 36 19.11 -3.00 12.67
N THR A 37 18.59 -3.19 13.88
CA THR A 37 17.62 -4.27 14.19
C THR A 37 16.17 -3.74 14.35
N GLN A 38 15.28 -4.22 13.49
CA GLN A 38 13.85 -3.99 13.59
C GLN A 38 13.13 -5.24 14.06
N ILE A 39 12.32 -5.12 15.10
CA ILE A 39 11.57 -6.26 15.63
C ILE A 39 10.09 -5.97 15.67
N GLU A 40 9.30 -7.06 15.60
CA GLU A 40 7.88 -7.03 15.73
C GLU A 40 7.53 -6.63 17.12
N ARG A 41 6.46 -5.90 17.24
CA ARG A 41 5.94 -5.57 18.53
C ARG A 41 5.65 -6.82 19.34
N LEU A 42 5.26 -7.88 18.67
CA LEU A 42 4.92 -9.12 19.37
C LEU A 42 6.08 -9.71 20.17
N VAL A 43 7.32 -9.34 19.86
CA VAL A 43 8.41 -9.88 20.61
C VAL A 43 9.08 -8.78 21.38
N ALA A 44 8.50 -7.57 21.36
CA ALA A 44 9.16 -6.46 22.04
C ALA A 44 8.73 -6.47 23.52
N THR A 45 9.65 -6.27 24.44
CA THR A 45 9.35 -5.80 25.80
C THR A 45 10.27 -4.64 26.12
N PRO A 46 9.98 -3.90 27.21
CA PRO A 46 10.94 -2.82 27.60
C PRO A 46 12.36 -3.27 27.82
N ASP A 47 12.54 -4.41 28.47
CA ASP A 47 13.88 -5.02 28.65
C ASP A 47 14.59 -5.38 27.34
N VAL A 48 13.90 -6.01 26.40
CA VAL A 48 14.51 -6.35 25.10
C VAL A 48 14.97 -5.11 24.40
N LEU A 49 14.13 -4.07 24.45
CA LEU A 49 14.34 -2.87 23.71
C LEU A 49 15.53 -2.10 24.28
N ARG A 50 15.64 -2.13 25.59
CA ARG A 50 16.64 -1.38 26.35
C ARG A 50 17.96 -2.19 26.33
N ASP A 51 17.90 -3.47 26.68
CA ASP A 51 19.15 -4.27 26.75
C ASP A 51 19.80 -4.50 25.39
N ASN A 52 19.00 -4.57 24.32
CA ASN A 52 19.53 -4.67 22.97
C ASN A 52 19.63 -3.41 22.11
N PHE A 53 19.40 -2.23 22.70
CA PHE A 53 19.55 -0.97 22.02
C PHE A 53 18.82 -0.96 20.66
N ILE A 54 17.65 -1.58 20.63
CA ILE A 54 16.85 -1.71 19.43
C ILE A 54 16.53 -0.38 18.74
N GLY A 55 16.71 -0.38 17.42
CA GLY A 55 16.61 0.85 16.63
C GLY A 55 15.18 1.07 16.12
N SER A 56 14.39 0.00 16.02
CA SER A 56 13.10 0.05 15.34
C SER A 56 12.16 -1.09 15.65
N LEU A 57 10.86 -0.79 15.56
CA LEU A 57 9.82 -1.75 15.69
C LEU A 57 8.88 -1.68 14.49
N LEU A 58 8.12 -2.77 14.25
CA LEU A 58 7.00 -2.68 13.37
C LEU A 58 5.81 -3.47 13.85
N SER A 59 4.67 -3.15 13.25
CA SER A 59 3.47 -4.02 13.29
C SER A 59 3.45 -4.59 11.90
N GLY A 60 3.61 -5.88 11.80
CA GLY A 60 3.23 -6.59 10.58
C GLY A 60 1.70 -6.63 10.40
N GLY A 61 1.25 -7.17 9.26
CA GLY A 61 -0.18 -7.08 8.92
C GLY A 61 -1.00 -7.79 10.01
N GLY A 62 -1.98 -7.09 10.55
CA GLY A 62 -2.76 -7.62 11.66
C GLY A 62 -2.11 -7.56 13.02
N SER A 63 -0.90 -7.01 13.15
CA SER A 63 -0.24 -6.92 14.47
C SER A 63 -0.71 -5.68 15.27
N VAL A 64 -1.76 -5.87 16.06
CA VAL A 64 -2.46 -4.82 16.76
C VAL A 64 -2.53 -5.11 18.27
N PRO A 65 -2.49 -4.05 19.06
CA PRO A 65 -2.50 -4.25 20.51
C PRO A 65 -3.76 -4.90 21.00
N ARG A 66 -4.90 -4.51 20.46
CA ARG A 66 -6.09 -5.38 20.45
C ARG A 66 -7.09 -5.06 19.34
N LYS A 67 -8.03 -5.98 19.21
CA LYS A 67 -9.11 -5.85 18.31
C LYS A 67 -9.90 -4.64 18.80
N GLY A 68 -10.03 -3.64 17.94
CA GLY A 68 -10.86 -2.49 18.21
C GLY A 68 -10.09 -1.42 18.90
N ALA A 69 -8.77 -1.56 19.00
CA ALA A 69 -7.98 -0.57 19.74
C ALA A 69 -8.18 0.85 19.20
N THR A 70 -8.36 1.80 20.10
CA THR A 70 -8.47 3.19 19.72
C THR A 70 -7.10 3.82 19.34
N ALA A 71 -7.17 5.00 18.75
CA ALA A 71 -5.97 5.71 18.47
C ALA A 71 -5.10 5.83 19.74
N LYS A 72 -5.71 6.16 20.87
CA LYS A 72 -4.96 6.44 22.08
C LYS A 72 -4.31 5.15 22.61
N GLU A 73 -5.00 3.99 22.51
CA GLU A 73 -4.35 2.73 22.79
C GLU A 73 -3.08 2.52 21.92
N TRP A 74 -3.20 2.80 20.63
CA TRP A 74 -2.04 2.70 19.78
C TRP A 74 -0.98 3.64 20.30
N GLN A 75 -1.37 4.87 20.60
CA GLN A 75 -0.37 5.82 21.05
C GLN A 75 0.36 5.35 22.35
N ASP A 76 -0.38 4.86 23.33
CA ASP A 76 0.21 4.32 24.58
C ASP A 76 1.13 3.13 24.31
N MET A 77 0.76 2.21 23.41
CA MET A 77 1.67 1.11 23.06
C MET A 77 3.02 1.63 22.53
N VAL A 78 2.98 2.50 21.53
CA VAL A 78 4.18 3.01 20.92
C VAL A 78 5.01 3.83 21.91
N ASP A 79 4.36 4.69 22.68
CA ASP A 79 5.02 5.48 23.72
C ASP A 79 5.69 4.58 24.78
N GLY A 80 4.99 3.55 25.23
CA GLY A 80 5.59 2.59 26.20
C GLY A 80 6.89 1.93 25.68
N PHE A 81 6.88 1.53 24.42
CA PHE A 81 8.10 1.05 23.74
C PHE A 81 9.14 2.14 23.64
N GLN A 82 8.69 3.33 23.26
CA GLN A 82 9.61 4.48 23.16
C GLN A 82 10.28 4.91 24.50
N LYS A 83 9.53 4.85 25.57
CA LYS A 83 10.10 5.11 26.88
C LYS A 83 11.28 4.18 27.25
N ALA A 84 11.18 2.89 26.98
CA ALA A 84 12.27 1.96 27.14
C ALA A 84 13.53 2.34 26.35
N CYS A 85 13.33 2.76 25.10
CA CYS A 85 14.42 3.07 24.16
C CYS A 85 15.09 4.40 24.61
N MET A 86 14.29 5.37 25.08
CA MET A 86 14.82 6.61 25.58
C MET A 86 15.56 6.42 26.89
N SER A 87 15.33 5.34 27.59
CA SER A 87 16.02 5.11 28.82
C SER A 87 17.36 4.37 28.61
N THR A 88 17.73 4.02 27.35
CA THR A 88 19.04 3.52 27.11
C THR A 88 20.13 4.58 27.46
N ARG A 89 21.38 4.15 27.62
CA ARG A 89 22.48 5.08 27.86
C ARG A 89 22.52 6.30 26.89
N LEU A 90 22.39 6.02 25.61
CA LEU A 90 22.39 7.10 24.62
C LEU A 90 20.99 7.72 24.36
N GLY A 91 19.95 7.06 24.79
CA GLY A 91 18.60 7.61 24.55
C GLY A 91 18.26 7.84 23.07
N ILE A 92 18.52 6.87 22.24
CA ILE A 92 18.16 6.99 20.82
C ILE A 92 16.76 6.50 20.61
N PRO A 93 15.87 7.39 20.16
CA PRO A 93 14.52 6.89 19.98
C PRO A 93 14.40 5.85 18.87
N MET A 94 13.49 4.92 19.10
CA MET A 94 13.10 3.97 18.06
C MET A 94 12.15 4.66 17.04
N ILE A 95 12.13 4.09 15.84
CA ILE A 95 11.19 4.49 14.78
C ILE A 95 10.29 3.29 14.61
N TYR A 96 8.99 3.53 14.62
CA TYR A 96 8.00 2.47 14.49
C TYR A 96 7.39 2.54 13.08
N GLY A 97 7.42 1.42 12.35
CA GLY A 97 6.83 1.30 11.08
C GLY A 97 5.61 0.39 10.95
N ILE A 98 4.83 0.66 9.92
CA ILE A 98 3.65 -0.09 9.68
C ILE A 98 3.23 0.01 8.22
N ASP A 99 2.48 -0.99 7.74
CA ASP A 99 2.00 -0.95 6.36
C ASP A 99 0.74 -0.10 6.33
N ALA A 100 0.95 1.21 6.22
CA ALA A 100 -0.15 2.11 5.92
C ALA A 100 -0.08 2.34 4.38
N VAL A 101 -0.78 1.48 3.64
CA VAL A 101 -0.63 1.42 2.19
C VAL A 101 -1.91 1.90 1.43
N HIS A 102 -3.04 2.03 2.12
CA HIS A 102 -4.23 2.71 1.60
C HIS A 102 -4.98 3.28 2.79
N GLY A 103 -4.37 4.26 3.41
CA GLY A 103 -4.78 4.75 4.71
C GLY A 103 -3.99 3.99 5.77
N GLN A 104 -4.30 4.24 7.02
CA GLN A 104 -3.67 3.54 8.17
C GLN A 104 -4.43 2.28 8.39
N ASN A 105 -4.27 1.36 7.45
CA ASN A 105 -5.30 0.26 7.25
C ASN A 105 -5.36 -0.86 8.28
N ASN A 106 -4.33 -0.96 9.15
CA ASN A 106 -4.35 -1.96 10.24
C ASN A 106 -5.25 -1.49 11.40
N VAL A 107 -5.66 -0.22 11.42
CA VAL A 107 -6.28 0.37 12.63
C VAL A 107 -7.76 0.50 12.45
N TYR A 108 -8.51 -0.06 13.42
CA TYR A 108 -9.96 0.05 13.47
C TYR A 108 -10.42 1.47 13.41
N GLY A 109 -11.32 1.82 12.48
CA GLY A 109 -11.86 3.22 12.41
C GLY A 109 -10.97 4.13 11.54
N ALA A 110 -9.91 3.61 10.97
CA ALA A 110 -9.05 4.43 10.09
C ALA A 110 -9.74 4.59 8.76
N THR A 111 -9.52 5.72 8.14
CA THR A 111 -10.00 5.90 6.78
C THR A 111 -9.30 4.92 5.85
N ILE A 112 -10.06 4.19 5.04
CA ILE A 112 -9.46 3.26 4.07
C ILE A 112 -9.65 3.84 2.69
N PHE A 113 -8.54 4.22 2.07
CA PHE A 113 -8.53 4.75 0.70
C PHE A 113 -8.51 3.63 -0.39
N PRO A 114 -8.87 3.97 -1.68
CA PRO A 114 -8.70 2.96 -2.72
C PRO A 114 -7.31 2.43 -2.78
N HIS A 115 -7.19 1.15 -3.11
CA HIS A 115 -5.90 0.60 -3.42
C HIS A 115 -5.33 1.27 -4.64
N ASN A 116 -4.04 1.08 -4.80
CA ASN A 116 -3.27 1.81 -5.78
C ASN A 116 -3.76 1.64 -7.24
N VAL A 117 -4.22 0.45 -7.59
CA VAL A 117 -4.62 0.25 -8.97
C VAL A 117 -5.73 1.26 -9.30
N GLY A 118 -6.68 1.42 -8.39
CA GLY A 118 -7.74 2.40 -8.51
C GLY A 118 -7.17 3.82 -8.60
N LEU A 119 -6.19 4.13 -7.76
CA LEU A 119 -5.53 5.47 -7.79
C LEU A 119 -4.85 5.74 -9.16
N GLY A 120 -4.34 4.69 -9.78
CA GLY A 120 -3.78 4.84 -11.09
C GLY A 120 -4.83 5.28 -12.10
N ALA A 121 -6.06 4.79 -11.92
CA ALA A 121 -7.09 5.06 -12.87
C ALA A 121 -7.54 6.50 -12.78
N THR A 122 -7.29 7.17 -11.63
CA THR A 122 -7.64 8.58 -11.50
C THR A 122 -6.79 9.50 -12.38
N ARG A 123 -5.59 9.05 -12.69
CA ARG A 123 -4.61 9.85 -13.38
C ARG A 123 -4.42 11.15 -12.64
N ASP A 124 -4.62 11.17 -11.31
CA ASP A 124 -4.57 12.44 -10.53
C ASP A 124 -3.47 12.40 -9.45
N PRO A 125 -2.23 12.73 -9.84
CA PRO A 125 -1.10 12.80 -8.88
C PRO A 125 -1.33 13.68 -7.68
N TYR A 126 -2.03 14.79 -7.87
CA TYR A 126 -2.30 15.70 -6.78
C TYR A 126 -3.30 15.12 -5.75
N LEU A 127 -4.31 14.40 -6.22
CA LEU A 127 -5.21 13.65 -5.37
C LEU A 127 -4.39 12.58 -4.53
N VAL A 128 -3.44 11.92 -5.17
CA VAL A 128 -2.63 10.96 -4.47
C VAL A 128 -1.71 11.63 -3.41
N LYS A 129 -1.18 12.78 -3.73
CA LYS A 129 -0.48 13.56 -2.75
C LYS A 129 -1.28 13.88 -1.49
N ARG A 130 -2.51 14.30 -1.67
CA ARG A 130 -3.39 14.65 -0.59
C ARG A 130 -3.76 13.41 0.22
N ILE A 131 -3.92 12.27 -0.47
CA ILE A 131 -4.09 11.02 0.22
C ILE A 131 -2.85 10.72 1.09
N GLY A 132 -1.65 11.04 0.60
CA GLY A 132 -0.38 10.98 1.44
C GLY A 132 -0.45 11.82 2.68
N GLU A 133 -0.95 13.03 2.51
CA GLU A 133 -1.11 13.94 3.61
C GLU A 133 -2.04 13.42 4.63
N ALA A 134 -3.26 12.97 4.19
CA ALA A 134 -4.23 12.45 5.12
C ALA A 134 -3.70 11.17 5.81
N THR A 135 -3.01 10.35 5.05
CA THR A 135 -2.56 9.08 5.60
C THR A 135 -1.49 9.32 6.71
N ALA A 136 -0.58 10.25 6.48
CA ALA A 136 0.41 10.60 7.51
C ALA A 136 -0.25 11.07 8.82
N LEU A 137 -1.36 11.79 8.69
CA LEU A 137 -2.04 12.33 9.85
C LEU A 137 -2.67 11.18 10.61
N GLU A 138 -3.36 10.27 9.90
CA GLU A 138 -3.91 9.03 10.54
C GLU A 138 -2.87 8.07 11.15
N VAL A 139 -1.73 7.94 10.52
CA VAL A 139 -0.65 7.16 11.10
C VAL A 139 -0.13 7.88 12.37
N ARG A 140 0.17 9.17 12.29
CA ARG A 140 0.55 9.95 13.47
C ARG A 140 -0.51 9.98 14.60
N ALA A 141 -1.78 9.84 14.23
CA ALA A 141 -2.84 9.68 15.20
C ALA A 141 -2.63 8.52 16.14
N THR A 142 -1.93 7.49 15.65
CA THR A 142 -1.67 6.25 16.33
C THR A 142 -0.26 6.25 16.88
N GLY A 143 0.42 7.38 16.79
CA GLY A 143 1.77 7.48 17.30
C GLY A 143 2.90 6.89 16.48
N ILE A 144 2.59 6.41 15.30
CA ILE A 144 3.55 5.74 14.42
C ILE A 144 4.14 6.77 13.51
N GLN A 145 5.41 6.59 13.19
CA GLN A 145 6.19 7.64 12.50
C GLN A 145 6.66 7.24 11.11
N TYR A 146 6.31 6.05 10.65
CA TYR A 146 6.96 5.46 9.48
C TYR A 146 5.94 4.53 8.84
N ALA A 147 5.75 4.71 7.54
CA ALA A 147 4.81 3.95 6.72
C ALA A 147 5.57 3.25 5.60
N PHE A 148 5.32 1.97 5.40
CA PHE A 148 6.02 1.20 4.36
C PHE A 148 5.25 1.41 3.05
N ALA A 149 5.30 2.66 2.56
CA ALA A 149 4.65 3.05 1.36
C ALA A 149 5.38 4.22 0.71
N PRO A 150 5.32 4.34 -0.63
CA PRO A 150 4.46 3.64 -1.61
C PRO A 150 5.10 2.40 -2.14
N CYS A 151 4.26 1.41 -2.49
CA CYS A 151 4.70 0.34 -3.37
C CYS A 151 4.68 0.89 -4.80
N ILE A 152 5.84 0.96 -5.44
CA ILE A 152 6.00 1.48 -6.80
C ILE A 152 6.43 0.34 -7.72
N ALA A 153 5.99 -0.87 -7.40
CA ALA A 153 6.02 -1.94 -8.40
C ALA A 153 5.22 -1.52 -9.64
N VAL A 154 5.75 -1.94 -10.80
CA VAL A 154 5.05 -1.90 -12.07
C VAL A 154 4.55 -3.31 -12.39
N CYS A 155 3.31 -3.64 -12.01
CA CYS A 155 2.80 -5.01 -12.16
C CYS A 155 2.66 -5.30 -13.64
N ARG A 156 3.35 -6.34 -14.13
CA ARG A 156 3.36 -6.73 -15.54
C ARG A 156 2.49 -7.96 -15.82
N ASP A 157 1.80 -8.51 -14.83
CA ASP A 157 0.92 -9.65 -15.02
C ASP A 157 -0.08 -9.58 -13.90
N PRO A 158 -1.36 -9.38 -14.25
CA PRO A 158 -2.44 -9.21 -13.30
C PRO A 158 -2.71 -10.42 -12.44
N ARG A 159 -2.08 -11.57 -12.79
CA ARG A 159 -2.23 -12.80 -11.98
C ARG A 159 -1.54 -12.69 -10.63
N TRP A 160 -0.59 -11.77 -10.56
CA TRP A 160 0.14 -11.45 -9.31
C TRP A 160 -0.86 -11.00 -8.24
N GLY A 161 -0.75 -11.60 -7.07
CA GLY A 161 -1.67 -11.33 -5.96
C GLY A 161 -1.48 -9.97 -5.32
N ARG A 162 -0.44 -9.25 -5.73
CA ARG A 162 -0.26 -7.90 -5.32
C ARG A 162 -0.44 -6.90 -6.46
N CYS A 163 -1.02 -7.30 -7.59
CA CYS A 163 -1.20 -6.34 -8.70
C CYS A 163 -1.98 -5.11 -8.27
N TYR A 164 -2.89 -5.23 -7.31
CA TYR A 164 -3.64 -4.06 -6.87
C TYR A 164 -2.82 -2.99 -6.11
N GLU A 165 -1.63 -3.38 -5.65
CA GLU A 165 -0.73 -2.47 -5.02
C GLU A 165 0.18 -1.72 -6.00
N SER A 166 0.00 -1.94 -7.29
CA SER A 166 0.73 -1.17 -8.31
C SER A 166 -0.27 -0.25 -8.95
N TYR A 167 0.08 1.04 -9.03
CA TYR A 167 -0.70 2.04 -9.68
C TYR A 167 -1.04 1.71 -11.16
N SER A 168 -0.18 0.99 -11.85
CA SER A 168 -0.31 0.77 -13.29
C SER A 168 0.73 -0.17 -13.85
N GLU A 169 0.37 -0.83 -14.95
CA GLU A 169 1.38 -1.56 -15.78
C GLU A 169 2.29 -0.61 -16.55
N ASP A 170 1.93 0.68 -16.55
CA ASP A 170 2.66 1.69 -17.29
C ASP A 170 3.42 2.52 -16.28
N ARG A 171 4.73 2.33 -16.31
CA ARG A 171 5.62 2.93 -15.33
C ARG A 171 5.52 4.43 -15.23
N ARG A 172 5.14 5.10 -16.33
CA ARG A 172 4.93 6.52 -16.29
C ARG A 172 3.83 6.93 -15.30
N ILE A 173 2.81 6.11 -15.20
CA ILE A 173 1.74 6.42 -14.25
C ILE A 173 2.32 6.20 -12.86
N VAL A 174 3.11 5.15 -12.69
CA VAL A 174 3.71 4.82 -11.41
C VAL A 174 4.63 5.97 -10.96
N GLN A 175 5.46 6.44 -11.90
CA GLN A 175 6.33 7.59 -11.67
C GLN A 175 5.58 8.84 -11.26
N SER A 176 4.47 9.10 -11.96
CA SER A 176 3.61 10.25 -11.65
C SER A 176 3.07 10.10 -10.20
N MET A 177 2.73 8.90 -9.78
CA MET A 177 2.12 8.71 -8.47
C MET A 177 3.12 8.66 -7.30
N THR A 178 4.39 8.81 -7.58
CA THR A 178 5.34 8.97 -6.48
C THR A 178 5.08 10.25 -5.71
N GLU A 179 4.22 11.12 -6.21
CA GLU A 179 3.73 12.28 -5.45
C GLU A 179 3.11 11.85 -4.13
N LEU A 180 2.76 10.58 -3.94
CA LEU A 180 2.40 10.08 -2.55
C LEU A 180 3.48 10.47 -1.51
N ILE A 181 4.72 10.48 -1.94
CA ILE A 181 5.88 10.62 -1.05
C ILE A 181 5.93 11.98 -0.34
N PRO A 182 5.87 13.09 -1.09
CA PRO A 182 5.82 14.41 -0.44
C PRO A 182 4.51 14.66 0.30
N GLY A 183 3.47 13.89 -0.05
CA GLY A 183 2.27 13.87 0.75
C GLY A 183 2.51 13.35 2.15
N LEU A 184 3.07 12.15 2.24
CA LEU A 184 3.49 11.49 3.49
C LEU A 184 4.52 12.29 4.24
N GLN A 185 5.53 12.76 3.56
CA GLN A 185 6.72 13.32 4.23
C GLN A 185 6.84 14.83 4.35
N GLY A 186 6.06 15.54 3.53
CA GLY A 186 6.20 16.97 3.27
C GLY A 186 6.99 17.19 2.01
N ASP A 187 6.75 18.33 1.42
CA ASP A 187 7.49 18.82 0.29
C ASP A 187 8.93 19.11 0.64
N VAL A 188 9.84 18.72 -0.22
CA VAL A 188 11.24 18.98 -0.01
C VAL A 188 11.57 20.46 -0.24
N PRO A 189 12.59 20.97 0.45
CA PRO A 189 13.03 22.34 0.27
C PRO A 189 13.41 22.68 -1.16
N LYS A 190 13.49 23.99 -1.43
CA LYS A 190 13.92 24.54 -2.74
C LYS A 190 15.30 23.97 -3.21
N ASP A 191 16.29 24.00 -2.32
CA ASP A 191 17.70 23.75 -2.67
C ASP A 191 18.09 22.25 -2.61
N PHE A 192 17.16 21.35 -2.90
CA PHE A 192 17.26 19.98 -2.39
C PHE A 192 18.06 19.05 -3.26
N THR A 193 18.87 18.20 -2.64
CA THR A 193 19.66 17.23 -3.39
C THR A 193 18.95 15.88 -3.54
N SER A 194 18.65 15.46 -4.77
CA SER A 194 18.00 14.17 -5.01
C SER A 194 18.76 13.12 -4.22
N GLY A 195 18.03 12.21 -3.58
CA GLY A 195 18.63 11.14 -2.77
C GLY A 195 18.72 11.38 -1.28
N MET A 196 18.69 12.64 -0.89
CA MET A 196 18.66 12.97 0.54
C MET A 196 17.32 12.57 1.12
N PRO A 197 17.32 11.98 2.34
CA PRO A 197 16.03 11.70 3.03
C PRO A 197 15.37 12.98 3.56
N PHE A 198 14.05 13.08 3.52
CA PHE A 198 13.35 14.23 4.11
C PHE A 198 12.03 13.82 4.79
N VAL A 199 11.78 14.43 5.93
CA VAL A 199 10.45 14.37 6.53
C VAL A 199 10.35 15.72 7.22
N ALA A 200 9.21 16.40 7.08
CA ALA A 200 9.12 17.78 7.54
C ALA A 200 9.06 17.96 9.02
N GLY A 201 8.43 17.06 9.73
CA GLY A 201 8.17 17.33 11.11
C GLY A 201 7.22 16.30 11.66
N LYS A 202 6.61 16.62 12.80
CA LYS A 202 5.92 15.61 13.60
C LYS A 202 4.50 15.31 13.08
N ASN A 203 4.05 16.06 12.08
CA ASN A 203 2.80 15.77 11.45
C ASN A 203 2.98 15.02 10.16
N LYS A 204 4.21 14.64 9.85
CA LYS A 204 4.49 13.85 8.69
C LYS A 204 5.11 12.55 9.13
N VAL A 205 5.27 11.61 8.22
CA VAL A 205 6.01 10.36 8.49
C VAL A 205 7.06 10.10 7.43
N ALA A 206 8.04 9.28 7.79
CA ALA A 206 8.92 8.65 6.85
C ALA A 206 8.18 7.70 5.91
N ALA A 207 8.56 7.71 4.64
CA ALA A 207 7.96 6.88 3.60
C ALA A 207 8.97 5.86 3.16
N CYS A 208 8.56 4.92 2.33
CA CYS A 208 9.39 3.78 1.94
C CYS A 208 9.07 3.37 0.50
N ALA A 209 9.94 3.70 -0.47
CA ALA A 209 9.75 3.21 -1.82
C ALA A 209 10.07 1.74 -1.83
N LYS A 210 9.08 0.93 -2.19
CA LYS A 210 9.27 -0.51 -2.21
C LYS A 210 8.67 -1.13 -3.41
N HIS A 211 9.07 -2.36 -3.76
CA HIS A 211 10.18 -3.15 -3.22
C HIS A 211 11.24 -3.18 -4.33
N PHE A 212 12.44 -2.75 -4.00
CA PHE A 212 13.53 -2.58 -4.95
C PHE A 212 14.18 -3.95 -5.24
N VAL A 213 14.29 -4.32 -6.50
CA VAL A 213 13.71 -3.61 -7.68
C VAL A 213 13.18 -4.72 -8.54
N GLY A 214 12.16 -4.41 -9.34
CA GLY A 214 11.66 -5.39 -10.26
C GLY A 214 10.69 -6.32 -9.64
N ASP A 215 10.06 -5.89 -8.53
CA ASP A 215 9.03 -6.71 -7.89
C ASP A 215 7.81 -6.95 -8.76
N GLY A 216 7.45 -6.02 -9.65
CA GLY A 216 6.28 -6.25 -10.51
C GLY A 216 6.57 -7.10 -11.77
N GLY A 217 7.84 -7.49 -11.95
CA GLY A 217 8.29 -8.17 -13.12
C GLY A 217 7.74 -9.58 -13.18
N THR A 218 7.61 -10.07 -14.40
CA THR A 218 7.14 -11.44 -14.73
C THR A 218 8.10 -12.50 -14.16
N VAL A 219 7.65 -13.75 -13.90
CA VAL A 219 6.55 -14.46 -14.64
C VAL A 219 5.28 -14.96 -13.90
N ASP A 220 4.11 -14.53 -14.40
CA ASP A 220 2.80 -15.31 -14.40
C ASP A 220 2.05 -15.89 -13.16
N GLY A 221 1.70 -15.07 -12.19
CA GLY A 221 2.00 -13.68 -12.21
C GLY A 221 2.91 -13.34 -11.03
N ILE A 222 4.16 -13.04 -11.33
CA ILE A 222 4.99 -12.31 -10.43
C ILE A 222 5.12 -12.81 -8.92
N ASN A 223 4.81 -14.07 -8.54
CA ASN A 223 4.67 -14.44 -7.09
C ASN A 223 5.31 -15.72 -6.35
N GLU A 224 6.58 -16.02 -6.54
CA GLU A 224 7.65 -15.07 -6.65
C GLU A 224 8.77 -15.87 -7.32
N ASN A 225 9.13 -15.49 -8.53
CA ASN A 225 10.32 -16.04 -9.12
C ASN A 225 11.39 -15.00 -8.90
N ASN A 226 12.39 -15.03 -9.77
CA ASN A 226 13.24 -13.89 -9.96
C ASN A 226 12.41 -12.61 -10.10
N THR A 227 11.17 -12.73 -10.58
CA THR A 227 10.45 -11.60 -11.20
C THR A 227 11.46 -10.69 -11.90
N ILE A 228 12.03 -11.19 -13.00
CA ILE A 228 13.12 -10.49 -13.70
C ILE A 228 12.68 -10.00 -15.08
N ILE A 229 13.57 -10.22 -16.06
CA ILE A 229 13.45 -9.63 -17.41
C ILE A 229 14.85 -9.59 -18.08
N ASN A 230 15.66 -8.54 -17.85
CA ASN A 230 17.02 -8.45 -18.44
C ASN A 230 17.85 -7.16 -18.17
N ARG A 231 17.56 -6.03 -18.84
CA ARG A 231 18.46 -4.86 -18.79
C ARG A 231 17.78 -3.54 -19.08
N GLU A 232 17.18 -3.42 -20.24
CA GLU A 232 16.41 -2.23 -20.55
C GLU A 232 14.97 -2.49 -20.09
N GLY A 233 14.68 -3.76 -19.86
CA GLY A 233 13.58 -4.17 -18.99
C GLY A 233 13.63 -3.47 -17.64
N LEU A 234 14.82 -3.30 -17.10
CA LEU A 234 15.00 -2.70 -15.79
C LEU A 234 15.02 -1.21 -15.88
N MET A 235 16.05 -0.77 -16.59
CA MET A 235 16.47 0.63 -16.57
C MET A 235 15.35 1.41 -17.23
N ASN A 236 14.35 0.67 -17.72
CA ASN A 236 13.26 1.37 -18.28
C ASN A 236 11.87 1.08 -17.74
N ILE A 237 11.58 -0.14 -17.32
CA ILE A 237 10.26 -0.41 -16.76
C ILE A 237 10.31 -0.29 -15.26
N HIS A 238 11.25 -0.98 -14.63
CA HIS A 238 11.14 -1.19 -13.19
C HIS A 238 11.89 -0.20 -12.34
N MET A 239 12.91 0.42 -12.92
CA MET A 239 13.78 1.37 -12.18
C MET A 239 13.33 2.81 -12.08
N PRO A 240 12.74 3.37 -13.13
CA PRO A 240 12.65 4.83 -13.13
C PRO A 240 11.84 5.49 -12.01
N ALA A 241 10.76 4.88 -11.57
CA ALA A 241 10.08 5.48 -10.36
C ALA A 241 11.00 5.64 -9.11
N TYR A 242 12.04 4.83 -9.00
CA TYR A 242 12.95 4.95 -7.86
C TYR A 242 13.72 6.28 -7.93
N LYS A 243 14.09 6.72 -9.14
CA LYS A 243 14.71 8.02 -9.36
C LYS A 243 13.77 9.16 -8.98
N ASN A 244 12.52 9.10 -9.42
CA ASN A 244 11.51 10.05 -8.97
C ASN A 244 11.42 10.04 -7.43
N ALA A 245 11.48 8.83 -6.83
CA ALA A 245 11.41 8.74 -5.35
C ALA A 245 12.63 9.44 -4.76
N MET A 246 13.79 9.28 -5.39
CA MET A 246 14.99 10.01 -4.91
C MET A 246 14.80 11.52 -5.01
N ASP A 247 14.16 11.99 -6.08
CA ASP A 247 14.00 13.45 -6.23
C ASP A 247 13.06 14.04 -5.18
N LYS A 248 12.16 13.22 -4.67
CA LYS A 248 11.20 13.70 -3.68
C LYS A 248 11.65 13.37 -2.27
N GLY A 249 12.91 12.93 -2.15
CA GLY A 249 13.52 12.75 -0.85
C GLY A 249 12.96 11.58 -0.06
N VAL A 250 12.58 10.45 -0.71
CA VAL A 250 12.07 9.30 0.05
C VAL A 250 13.11 8.92 1.09
N SER A 251 12.63 8.63 2.31
CA SER A 251 13.50 8.42 3.47
C SER A 251 14.08 7.04 3.48
N THR A 252 13.32 6.06 3.04
CA THR A 252 13.74 4.70 3.08
C THR A 252 13.36 3.94 1.84
N VAL A 253 14.05 2.86 1.61
CA VAL A 253 13.78 1.93 0.53
C VAL A 253 13.80 0.52 1.08
N MET A 254 12.75 -0.24 0.81
CA MET A 254 12.65 -1.62 1.13
C MET A 254 13.02 -2.53 -0.06
N ILE A 255 13.83 -3.55 0.21
CA ILE A 255 14.30 -4.47 -0.79
C ILE A 255 13.28 -5.57 -1.04
N SER A 256 13.28 -6.09 -2.28
CA SER A 256 12.33 -7.10 -2.72
C SER A 256 12.82 -8.52 -2.48
N TYR A 257 11.87 -9.44 -2.22
CA TYR A 257 12.11 -10.89 -2.16
C TYR A 257 12.69 -11.41 -3.45
N SER A 258 12.41 -10.74 -4.56
CA SER A 258 12.69 -11.28 -5.88
C SER A 258 14.16 -11.11 -6.20
N SER A 259 14.52 -11.59 -7.39
CA SER A 259 15.88 -11.59 -7.88
C SER A 259 16.03 -10.76 -9.18
N TRP A 260 17.24 -10.32 -9.48
CA TRP A 260 17.54 -9.72 -10.77
C TRP A 260 18.75 -10.45 -11.35
N ASN A 261 18.67 -10.89 -12.60
CA ASN A 261 19.78 -11.67 -13.17
C ASN A 261 20.17 -12.91 -12.37
N GLY A 262 19.17 -13.63 -11.87
CA GLY A 262 19.43 -14.70 -10.88
C GLY A 262 20.18 -14.32 -9.60
N VAL A 263 20.26 -13.04 -9.25
CA VAL A 263 20.74 -12.64 -7.93
C VAL A 263 19.60 -12.07 -7.06
N LYS A 264 19.37 -12.74 -5.92
CA LYS A 264 18.43 -12.27 -4.86
C LYS A 264 18.71 -10.82 -4.57
N MET A 265 17.66 -10.01 -4.65
CA MET A 265 17.79 -8.56 -4.36
C MET A 265 18.39 -8.32 -2.97
N HIS A 266 18.14 -9.20 -2.00
CA HIS A 266 18.65 -9.01 -0.62
C HIS A 266 20.14 -9.25 -0.46
N ALA A 267 20.78 -9.76 -1.51
CA ALA A 267 22.23 -10.03 -1.58
C ALA A 267 22.86 -9.30 -2.76
N ASN A 268 22.11 -8.40 -3.40
CA ASN A 268 22.56 -7.75 -4.64
C ASN A 268 23.28 -6.41 -4.41
N GLN A 269 24.59 -6.55 -4.18
CA GLN A 269 25.46 -5.41 -3.94
C GLN A 269 25.55 -4.41 -5.11
N ASP A 270 25.55 -4.91 -6.32
CA ASP A 270 25.63 -4.05 -7.49
C ASP A 270 24.43 -3.13 -7.55
N LEU A 271 23.23 -3.64 -7.35
CA LEU A 271 22.04 -2.74 -7.43
C LEU A 271 21.78 -1.90 -6.18
N VAL A 272 22.02 -2.49 -5.01
CA VAL A 272 21.67 -1.83 -3.74
C VAL A 272 22.76 -0.83 -3.42
N THR A 273 24.00 -1.24 -3.54
CA THR A 273 25.10 -0.32 -3.23
C THR A 273 25.55 0.43 -4.46
N GLY A 274 25.82 -0.28 -5.55
CA GLY A 274 26.40 0.35 -6.76
C GLY A 274 25.41 1.30 -7.42
N TYR A 275 24.16 0.88 -7.55
CA TYR A 275 23.21 1.70 -8.23
C TYR A 275 22.46 2.61 -7.25
N LEU A 276 21.67 2.02 -6.36
CA LEU A 276 20.86 2.81 -5.44
C LEU A 276 21.67 3.82 -4.66
N LYS A 277 22.67 3.36 -3.93
CA LYS A 277 23.46 4.28 -3.10
C LYS A 277 24.48 5.09 -3.90
N ASP A 278 25.28 4.42 -4.68
CA ASP A 278 26.43 5.11 -5.31
C ASP A 278 26.08 5.88 -6.55
N THR A 279 25.01 5.49 -7.28
CA THR A 279 24.62 6.19 -8.55
C THR A 279 23.43 7.14 -8.38
N LEU A 280 22.29 6.68 -7.82
CA LEU A 280 21.18 7.55 -7.46
C LEU A 280 21.49 8.41 -6.28
N LYS A 281 22.54 8.10 -5.54
CA LYS A 281 22.98 8.94 -4.41
C LYS A 281 22.01 8.91 -3.23
N PHE A 282 21.26 7.81 -3.13
CA PHE A 282 20.42 7.56 -1.95
C PHE A 282 21.21 7.58 -0.65
N LYS A 283 20.83 8.51 0.21
CA LYS A 283 21.39 8.72 1.53
C LYS A 283 20.44 8.44 2.68
N GLY A 284 19.23 7.93 2.41
CA GLY A 284 18.35 7.43 3.51
C GLY A 284 18.76 6.00 3.88
N PHE A 285 17.89 5.19 4.52
CA PHE A 285 18.32 3.86 4.85
C PHE A 285 17.58 2.79 4.06
N VAL A 286 18.26 1.67 3.85
CA VAL A 286 17.69 0.55 3.09
C VAL A 286 17.31 -0.50 4.08
N ILE A 287 16.08 -0.98 3.99
CA ILE A 287 15.46 -1.92 4.94
C ILE A 287 15.11 -3.21 4.20
N SER A 288 15.32 -4.35 4.83
CA SER A 288 14.92 -5.60 4.21
C SER A 288 13.39 -5.74 4.28
N ASP A 289 12.91 -6.68 3.51
CA ASP A 289 11.57 -7.18 3.70
C ASP A 289 11.54 -8.18 4.90
N TRP A 290 10.35 -8.63 5.21
CA TRP A 290 10.12 -9.49 6.37
C TRP A 290 10.83 -10.82 6.12
N GLU A 291 11.86 -11.11 6.92
CA GLU A 291 12.65 -12.31 6.69
C GLU A 291 13.16 -12.43 5.28
N GLY A 292 13.32 -11.25 4.63
CA GLY A 292 14.01 -11.16 3.32
C GLY A 292 15.40 -11.78 3.31
N ILE A 293 16.15 -11.64 4.38
CA ILE A 293 17.51 -12.19 4.37
C ILE A 293 17.48 -13.71 4.51
N ASP A 294 16.56 -14.22 5.32
CA ASP A 294 16.41 -15.66 5.44
C ASP A 294 16.20 -16.31 4.10
N ARG A 295 15.53 -15.58 3.20
CA ARG A 295 15.11 -16.15 1.92
C ARG A 295 16.16 -16.04 0.83
N ILE A 296 17.32 -15.48 1.18
CA ILE A 296 18.46 -15.54 0.29
C ILE A 296 18.83 -17.03 0.03
N THR A 297 18.55 -17.94 0.96
CA THR A 297 19.06 -19.29 0.87
C THR A 297 17.87 -20.18 0.57
N THR A 298 18.11 -21.33 -0.04
CA THR A 298 17.06 -22.31 -0.30
C THR A 298 17.51 -23.59 0.39
N PRO A 299 16.71 -24.09 1.36
CA PRO A 299 15.53 -23.40 1.91
C PRO A 299 15.84 -22.10 2.75
N ALA A 300 14.79 -21.36 3.06
CA ALA A 300 14.91 -20.09 3.70
C ALA A 300 15.32 -20.41 5.11
N GLY A 301 16.12 -19.54 5.73
CA GLY A 301 16.56 -19.76 7.08
C GLY A 301 17.63 -20.82 7.27
N SER A 302 18.02 -21.51 6.19
CA SER A 302 18.87 -22.69 6.31
C SER A 302 20.36 -22.38 6.64
N ASP A 303 20.74 -21.13 6.53
CA ASP A 303 22.06 -20.67 6.87
C ASP A 303 22.00 -19.17 7.11
N TYR A 304 21.53 -18.83 8.31
CA TYR A 304 21.24 -17.50 8.70
C TYR A 304 22.50 -16.66 8.82
N SER A 305 23.59 -17.32 9.15
CA SER A 305 24.89 -16.66 9.14
C SER A 305 25.25 -16.11 7.78
N TYR A 306 25.07 -16.88 6.71
CA TYR A 306 25.37 -16.34 5.38
C TYR A 306 24.34 -15.21 5.05
N SER A 307 23.08 -15.46 5.39
CA SER A 307 22.02 -14.44 5.20
C SER A 307 22.43 -13.06 5.78
N VAL A 308 22.86 -12.99 7.05
CA VAL A 308 23.38 -11.72 7.66
C VAL A 308 24.58 -11.18 6.89
N LYS A 309 25.55 -12.03 6.66
CA LYS A 309 26.70 -11.62 5.89
C LYS A 309 26.38 -11.09 4.51
N ALA A 310 25.69 -11.90 3.73
CA ALA A 310 25.38 -11.46 2.38
C ALA A 310 24.55 -10.16 2.32
N SER A 311 23.60 -10.01 3.22
CA SER A 311 22.68 -8.87 3.16
C SER A 311 23.39 -7.58 3.56
N ILE A 312 24.20 -7.66 4.60
CA ILE A 312 24.86 -6.48 5.10
C ILE A 312 25.99 -6.09 4.15
N LEU A 313 26.72 -7.08 3.61
CA LEU A 313 27.70 -6.72 2.59
C LEU A 313 27.02 -6.16 1.29
N ALA A 314 25.82 -6.67 0.95
CA ALA A 314 25.07 -6.12 -0.18
C ALA A 314 24.78 -4.64 -0.02
N GLY A 315 24.61 -4.18 1.20
CA GLY A 315 24.41 -2.80 1.48
C GLY A 315 23.17 -2.47 2.29
N LEU A 316 22.45 -3.49 2.77
CA LEU A 316 21.27 -3.22 3.54
C LEU A 316 21.67 -2.58 4.89
N ASP A 317 20.81 -1.70 5.41
CA ASP A 317 21.15 -0.92 6.62
C ASP A 317 20.40 -1.42 7.84
N MET A 318 19.14 -1.80 7.63
CA MET A 318 18.22 -2.23 8.70
C MET A 318 17.51 -3.52 8.28
N ILE A 319 17.48 -4.47 9.19
CA ILE A 319 16.87 -5.77 8.97
C ILE A 319 15.57 -5.89 9.74
N MET A 320 14.51 -6.07 8.97
CA MET A 320 13.18 -6.46 9.46
C MET A 320 13.33 -7.92 9.77
N VAL A 321 13.72 -8.21 11.01
CA VAL A 321 14.11 -9.56 11.39
C VAL A 321 12.99 -10.58 11.23
N PRO A 322 11.82 -10.33 11.84
CA PRO A 322 11.49 -9.39 12.86
C PRO A 322 11.33 -10.06 14.19
N ASN A 323 11.46 -11.39 14.26
CA ASN A 323 11.17 -12.13 15.49
C ASN A 323 12.43 -12.64 16.18
N LYS A 324 13.29 -13.29 15.47
CA LYS A 324 14.46 -13.83 16.13
C LYS A 324 15.63 -12.83 16.17
N TYR A 325 15.46 -11.77 16.94
CA TYR A 325 16.44 -10.73 17.01
C TYR A 325 17.78 -11.20 17.66
N GLN A 326 17.69 -12.09 18.63
CA GLN A 326 18.85 -12.52 19.36
C GLN A 326 19.84 -13.16 18.41
N GLN A 327 19.30 -14.08 17.62
CA GLN A 327 20.09 -14.70 16.58
C GLN A 327 20.66 -13.67 15.59
N PHE A 328 19.88 -12.69 15.15
CA PHE A 328 20.43 -11.69 14.22
C PHE A 328 21.57 -10.93 14.86
N ILE A 329 21.38 -10.52 16.11
CA ILE A 329 22.34 -9.63 16.77
C ILE A 329 23.64 -10.41 17.11
N SER A 330 23.49 -11.62 17.57
CA SER A 330 24.63 -12.52 17.87
C SER A 330 25.53 -12.76 16.66
N ILE A 331 24.87 -13.10 15.57
CA ILE A 331 25.57 -13.42 14.35
C ILE A 331 26.21 -12.22 13.73
N LEU A 332 25.50 -11.09 13.65
CA LEU A 332 26.10 -9.92 13.12
C LEU A 332 27.27 -9.51 14.03
N THR A 333 27.10 -9.64 15.35
CA THR A 333 28.19 -9.24 16.27
C THR A 333 29.45 -10.10 16.00
N GLY A 334 29.27 -11.41 15.85
CA GLY A 334 30.42 -12.32 15.49
C GLY A 334 31.09 -11.96 14.18
N HIS A 335 30.29 -11.55 13.20
CA HIS A 335 30.87 -11.26 11.93
C HIS A 335 31.76 -10.04 12.04
N VAL A 336 31.35 -9.04 12.81
CA VAL A 336 32.05 -7.81 12.85
C VAL A 336 33.30 -8.08 13.67
N ASN A 337 33.17 -8.76 14.82
CA ASN A 337 34.31 -9.13 15.70
C ASN A 337 35.31 -9.97 14.96
N GLY A 338 34.85 -10.83 14.09
CA GLY A 338 35.76 -11.63 13.27
C GLY A 338 36.29 -10.96 12.01
N GLY A 339 35.94 -9.68 11.77
CA GLY A 339 36.49 -8.94 10.59
C GLY A 339 35.89 -9.32 9.26
N VAL A 340 34.86 -10.17 9.29
CA VAL A 340 34.19 -10.56 8.07
C VAL A 340 33.33 -9.41 7.49
N ILE A 341 32.71 -8.62 8.37
CA ILE A 341 32.02 -7.41 7.97
C ILE A 341 32.74 -6.27 8.62
N PRO A 342 33.19 -5.31 7.82
CA PRO A 342 34.01 -4.27 8.40
C PRO A 342 33.17 -3.24 9.14
N MET A 343 33.81 -2.59 10.10
CA MET A 343 33.22 -1.54 10.87
C MET A 343 32.69 -0.40 9.98
N SER A 344 33.34 -0.13 8.84
CA SER A 344 32.86 0.92 7.95
C SER A 344 31.46 0.64 7.33
N ARG A 345 31.14 -0.65 7.07
CA ARG A 345 29.82 -1.06 6.61
C ARG A 345 28.82 -0.80 7.73
N ILE A 346 29.14 -1.20 8.97
CA ILE A 346 28.25 -0.93 10.11
C ILE A 346 27.98 0.58 10.31
N ASP A 347 29.04 1.38 10.21
CA ASP A 347 28.99 2.84 10.43
C ASP A 347 28.18 3.56 9.36
N ASP A 348 28.18 2.98 8.15
CA ASP A 348 27.40 3.49 7.07
C ASP A 348 25.91 3.27 7.32
N ALA A 349 25.61 2.04 7.70
CA ALA A 349 24.27 1.64 8.01
C ALA A 349 23.67 2.48 9.14
N VAL A 350 24.44 2.62 10.21
CA VAL A 350 24.01 3.40 11.35
C VAL A 350 23.93 4.91 11.02
N THR A 351 24.85 5.36 10.18
CA THR A 351 24.80 6.77 9.76
C THR A 351 23.48 7.08 9.06
N ARG A 352 23.05 6.17 8.20
CA ARG A 352 21.84 6.32 7.42
C ARG A 352 20.57 6.24 8.30
N ILE A 353 20.55 5.36 9.29
CA ILE A 353 19.42 5.25 10.19
C ILE A 353 19.26 6.49 11.00
N LEU A 354 20.35 6.96 11.55
CA LEU A 354 20.39 8.17 12.33
C LEU A 354 20.05 9.39 11.52
N ARG A 355 20.49 9.43 10.26
CA ARG A 355 20.24 10.58 9.41
C ARG A 355 18.73 10.71 9.25
N VAL A 356 18.03 9.59 9.00
CA VAL A 356 16.57 9.70 8.88
C VAL A 356 15.99 10.12 10.18
N LYS A 357 16.43 9.49 11.30
CA LYS A 357 15.85 9.81 12.63
C LYS A 357 15.94 11.29 13.02
N PHE A 358 17.14 11.83 12.88
CA PHE A 358 17.42 13.24 13.13
C PHE A 358 16.69 14.16 12.15
N THR A 359 16.83 13.92 10.85
CA THR A 359 16.16 14.74 9.83
C THR A 359 14.64 14.83 10.13
N MET A 360 14.00 13.73 10.52
CA MET A 360 12.54 13.74 10.69
C MET A 360 12.08 14.35 12.00
N GLY A 361 13.02 14.72 12.85
CA GLY A 361 12.69 15.31 14.15
C GLY A 361 12.37 14.32 15.28
N LEU A 362 12.72 13.06 15.09
CA LEU A 362 12.46 12.01 16.08
C LEU A 362 13.16 12.25 17.42
N PHE A 363 14.32 12.90 17.43
CA PHE A 363 15.02 13.14 18.69
C PHE A 363 14.35 14.26 19.43
N GLU A 364 13.60 15.11 18.73
CA GLU A 364 13.00 16.24 19.42
C GLU A 364 11.61 15.84 19.76
N ASN A 365 10.97 14.96 18.99
CA ASN A 365 9.63 14.50 19.24
C ASN A 365 9.46 12.96 19.24
N PRO A 366 9.92 12.31 20.33
CA PRO A 366 9.95 10.91 20.23
C PRO A 366 8.65 10.31 20.51
N TYR A 367 7.78 11.09 21.16
CA TYR A 367 6.54 10.55 21.75
C TYR A 367 5.35 11.00 20.94
N ALA A 368 4.23 10.34 21.11
CA ALA A 368 3.04 10.64 20.36
C ALA A 368 2.37 11.91 20.85
N ASP A 369 1.61 12.54 19.98
CA ASP A 369 0.93 13.77 20.35
C ASP A 369 -0.49 13.40 20.55
N PRO A 370 -0.95 13.45 21.78
CA PRO A 370 -2.33 13.05 22.07
C PRO A 370 -3.39 13.83 21.32
N ALA A 371 -3.07 15.07 20.98
CA ALA A 371 -3.97 15.88 20.16
C ALA A 371 -4.16 15.40 18.74
N MET A 372 -3.31 14.52 18.22
CA MET A 372 -3.47 13.99 16.87
C MET A 372 -4.43 12.79 16.87
N ALA A 373 -4.84 12.30 18.03
CA ALA A 373 -5.62 11.08 18.03
C ALA A 373 -6.92 11.16 17.19
N GLU A 374 -7.54 12.31 17.21
CA GLU A 374 -8.76 12.57 16.52
C GLU A 374 -8.56 12.65 15.01
N GLN A 375 -7.32 12.66 14.53
CA GLN A 375 -7.09 12.50 13.12
C GLN A 375 -7.49 11.12 12.59
N LEU A 376 -7.58 10.11 13.43
CA LEU A 376 -7.88 8.80 12.92
C LEU A 376 -9.35 8.73 12.42
N GLY A 377 -9.61 8.33 11.18
CA GLY A 377 -10.98 8.32 10.61
C GLY A 377 -11.70 9.65 10.57
N LYS A 378 -10.94 10.75 10.60
CA LYS A 378 -11.53 12.09 10.57
C LYS A 378 -12.30 12.33 9.28
N GLN A 379 -13.43 12.98 9.43
CA GLN A 379 -14.40 13.04 8.37
C GLN A 379 -13.79 13.64 7.09
N GLU A 380 -12.97 14.68 7.20
CA GLU A 380 -12.40 15.29 6.03
C GLU A 380 -11.54 14.31 5.26
N HIS A 381 -10.90 13.33 5.96
CA HIS A 381 -10.17 12.29 5.29
C HIS A 381 -11.14 11.41 4.52
N ARG A 382 -12.31 11.16 5.11
CA ARG A 382 -13.24 10.30 4.51
C ARG A 382 -13.80 10.97 3.23
N ASP A 383 -13.91 12.29 3.25
CA ASP A 383 -14.43 12.99 2.10
C ASP A 383 -13.40 12.89 0.97
N LEU A 384 -12.14 13.00 1.32
CA LEU A 384 -11.07 12.79 0.35
C LEU A 384 -11.09 11.39 -0.25
N ALA A 385 -11.27 10.38 0.60
CA ALA A 385 -11.32 8.99 0.17
C ALA A 385 -12.53 8.78 -0.75
N ARG A 386 -13.61 9.50 -0.44
CA ARG A 386 -14.85 9.39 -1.21
C ARG A 386 -14.58 9.92 -2.63
N GLU A 387 -13.92 11.06 -2.72
CA GLU A 387 -13.54 11.64 -3.98
C GLU A 387 -12.61 10.69 -4.71
N ALA A 388 -11.60 10.16 -4.01
CA ALA A 388 -10.68 9.24 -4.68
C ALA A 388 -11.43 8.00 -5.21
N ALA A 389 -12.37 7.47 -4.45
CA ALA A 389 -13.08 6.28 -4.91
C ALA A 389 -13.86 6.59 -6.19
N ARG A 390 -14.59 7.70 -6.11
CA ARG A 390 -15.37 8.13 -7.23
C ARG A 390 -14.49 8.33 -8.47
N LYS A 391 -13.31 8.94 -8.33
CA LYS A 391 -12.47 9.18 -9.47
C LYS A 391 -11.78 7.92 -10.00
N SER A 392 -11.76 6.86 -9.21
CA SER A 392 -11.17 5.58 -9.64
C SER A 392 -12.08 4.75 -10.50
N LEU A 393 -13.39 4.99 -10.46
CA LEU A 393 -14.31 4.12 -11.16
C LEU A 393 -14.03 4.27 -12.65
N VAL A 394 -13.92 3.14 -13.34
CA VAL A 394 -13.91 3.14 -14.73
C VAL A 394 -15.25 2.56 -15.29
N LEU A 395 -15.99 3.39 -16.03
CA LEU A 395 -17.21 2.98 -16.77
C LEU A 395 -16.85 2.24 -18.05
N LEU A 396 -17.13 0.95 -18.06
CA LEU A 396 -16.74 0.13 -19.16
C LEU A 396 -17.95 -0.02 -20.13
N LYS A 397 -19.16 0.20 -19.67
CA LYS A 397 -20.32 -0.01 -20.56
C LYS A 397 -21.47 0.81 -19.98
N ASN A 398 -22.19 1.52 -20.85
CA ASN A 398 -23.35 2.32 -20.46
C ASN A 398 -24.52 2.26 -21.50
N GLY A 399 -25.13 1.08 -21.67
CA GLY A 399 -26.14 0.80 -22.67
C GLY A 399 -25.79 -0.46 -23.40
N LYS A 400 -26.75 -1.34 -23.60
CA LYS A 400 -26.48 -2.60 -24.35
C LYS A 400 -26.34 -2.42 -25.85
N THR A 401 -27.03 -1.43 -26.42
CA THR A 401 -26.86 -1.16 -27.85
C THR A 401 -26.73 0.37 -28.06
N SER A 402 -26.18 0.74 -29.20
CA SER A 402 -26.02 2.11 -29.54
C SER A 402 -27.35 2.86 -29.60
N THR A 403 -28.48 2.17 -29.57
CA THR A 403 -29.73 2.86 -29.59
C THR A 403 -30.36 3.01 -28.16
N ASP A 404 -29.76 2.40 -27.14
CA ASP A 404 -30.37 2.33 -25.84
C ASP A 404 -30.19 3.67 -25.13
N ALA A 405 -31.13 4.08 -24.32
CA ALA A 405 -30.90 5.12 -23.37
C ALA A 405 -29.72 4.69 -22.46
N PRO A 406 -28.76 5.56 -22.17
CA PRO A 406 -27.79 5.30 -21.10
C PRO A 406 -28.43 5.13 -19.75
N LEU A 407 -28.11 4.01 -19.13
CA LEU A 407 -28.60 3.68 -17.81
C LEU A 407 -28.02 4.65 -16.82
N LEU A 408 -26.70 4.87 -16.86
CA LEU A 408 -26.12 5.81 -15.92
C LEU A 408 -26.07 7.17 -16.47
N PRO A 409 -26.36 8.18 -15.64
CA PRO A 409 -26.73 8.10 -14.26
C PRO A 409 -28.21 7.68 -13.99
N LEU A 410 -28.40 7.01 -12.88
CA LEU A 410 -29.66 6.58 -12.42
C LEU A 410 -30.33 7.73 -11.70
N PRO A 411 -31.65 7.73 -11.74
CA PRO A 411 -32.42 8.69 -10.97
C PRO A 411 -32.52 8.30 -9.49
N LYS A 412 -32.45 9.27 -8.60
CA LYS A 412 -32.47 9.04 -7.18
C LYS A 412 -33.88 8.84 -6.71
N LYS A 413 -34.81 9.23 -7.56
CA LYS A 413 -36.18 9.13 -7.22
C LYS A 413 -36.81 8.02 -8.07
N ALA A 414 -37.30 6.96 -7.39
CA ALA A 414 -37.96 5.86 -8.13
C ALA A 414 -38.77 5.07 -7.14
N PRO A 415 -39.83 4.41 -7.60
CA PRO A 415 -40.72 3.84 -6.59
C PRO A 415 -40.05 2.77 -5.76
N LYS A 416 -39.27 1.94 -6.44
CA LYS A 416 -38.67 0.78 -5.82
C LYS A 416 -37.43 0.43 -6.63
N ILE A 417 -36.32 0.11 -5.95
CA ILE A 417 -35.10 -0.30 -6.59
C ILE A 417 -34.49 -1.47 -5.86
N LEU A 418 -33.64 -2.20 -6.55
CA LEU A 418 -33.00 -3.39 -5.95
C LEU A 418 -31.50 -3.24 -5.88
N VAL A 419 -30.94 -3.55 -4.74
CA VAL A 419 -29.52 -3.59 -4.54
C VAL A 419 -29.18 -5.02 -4.29
N ALA A 420 -28.21 -5.56 -5.02
CA ALA A 420 -27.92 -6.97 -4.91
C ALA A 420 -26.44 -7.29 -5.05
N GLY A 421 -26.11 -8.50 -4.65
CA GLY A 421 -24.81 -9.05 -4.97
C GLY A 421 -24.06 -9.25 -3.69
N SER A 422 -23.17 -10.24 -3.65
CA SER A 422 -22.32 -10.47 -2.49
C SER A 422 -21.43 -9.28 -2.08
N HIS A 423 -21.27 -8.30 -2.97
CA HIS A 423 -20.35 -7.19 -2.68
C HIS A 423 -21.04 -5.86 -2.45
N ALA A 424 -22.35 -5.90 -2.46
CA ALA A 424 -23.12 -4.68 -2.17
C ALA A 424 -23.17 -4.29 -0.72
N ASP A 425 -23.03 -5.23 0.24
CA ASP A 425 -23.11 -4.83 1.62
C ASP A 425 -22.03 -5.53 2.42
N ASN A 426 -20.79 -5.31 1.97
CA ASN A 426 -19.67 -6.02 2.58
C ASN A 426 -18.43 -5.13 2.57
N LEU A 427 -18.18 -4.51 3.72
CA LEU A 427 -17.02 -3.63 3.87
C LEU A 427 -15.67 -4.31 3.59
N GLY A 428 -15.47 -5.47 4.18
CA GLY A 428 -14.22 -6.16 3.96
C GLY A 428 -13.91 -6.41 2.47
N TYR A 429 -14.93 -6.78 1.69
CA TYR A 429 -14.72 -7.03 0.26
C TYR A 429 -14.41 -5.78 -0.46
N GLN A 430 -15.02 -4.68 -0.03
CA GLN A 430 -14.82 -3.48 -0.78
C GLN A 430 -13.45 -2.82 -0.51
N CYS A 431 -12.86 -3.14 0.64
CA CYS A 431 -11.53 -2.70 1.00
C CYS A 431 -10.44 -3.66 0.51
N GLY A 432 -10.75 -4.95 0.37
CA GLY A 432 -9.74 -5.88 -0.07
C GLY A 432 -8.58 -6.09 0.92
N GLY A 433 -7.44 -6.54 0.41
CA GLY A 433 -6.32 -7.00 1.20
C GLY A 433 -5.65 -5.84 1.87
N TRP A 434 -4.79 -6.15 2.81
CA TRP A 434 -4.21 -5.13 3.70
C TRP A 434 -5.25 -4.22 4.37
N THR A 435 -6.27 -4.83 4.93
CA THR A 435 -7.23 -4.11 5.71
C THR A 435 -7.61 -4.87 6.99
N ILE A 436 -7.60 -4.19 8.13
CA ILE A 436 -7.41 -4.73 9.50
C ILE A 436 -6.27 -5.80 9.81
N GLU A 437 -6.27 -6.95 9.06
CA GLU A 437 -5.07 -7.62 8.33
C GLU A 437 -4.48 -9.02 8.58
N TYR A 438 -3.45 -9.49 7.84
CA TYR A 438 -2.79 -8.98 6.59
C TYR A 438 -3.59 -9.28 5.25
N GLN A 439 -4.50 -10.23 5.36
CA GLN A 439 -5.57 -10.40 4.42
C GLN A 439 -6.51 -9.23 4.62
N GLY A 440 -7.64 -9.38 4.02
CA GLY A 440 -8.75 -8.61 4.44
C GLY A 440 -9.59 -9.59 5.23
N ASP A 441 -10.88 -9.24 5.27
CA ASP A 441 -11.87 -9.89 6.05
C ASP A 441 -13.16 -9.95 5.18
N THR A 442 -14.28 -10.21 5.81
CA THR A 442 -15.57 -10.03 5.21
C THR A 442 -16.32 -9.24 6.30
N GLY A 443 -17.41 -8.55 5.93
CA GLY A 443 -18.33 -7.95 6.88
C GLY A 443 -17.89 -6.56 7.27
N ARG A 444 -18.38 -6.10 8.43
CA ARG A 444 -18.08 -4.79 9.04
C ARG A 444 -16.86 -4.89 10.02
N THR A 445 -15.69 -4.81 9.43
CA THR A 445 -14.44 -4.86 10.16
C THR A 445 -13.97 -3.50 10.60
N THR A 446 -14.57 -2.46 10.05
CA THR A 446 -14.12 -1.13 10.40
C THR A 446 -15.33 -0.11 10.23
N VAL A 447 -15.13 1.17 10.49
CA VAL A 447 -16.13 2.20 10.19
C VAL A 447 -16.00 2.54 8.70
N GLY A 448 -17.15 2.58 8.05
CA GLY A 448 -17.20 2.79 6.58
C GLY A 448 -18.63 2.78 6.11
N THR A 449 -18.85 2.83 4.81
CA THR A 449 -20.22 2.87 4.27
C THR A 449 -20.18 1.93 3.10
N THR A 450 -20.98 0.85 3.18
CA THR A 450 -21.05 -0.11 2.10
C THR A 450 -21.82 0.47 0.87
N ILE A 451 -21.82 -0.27 -0.24
CA ILE A 451 -22.54 0.21 -1.42
C ILE A 451 -24.03 0.32 -1.08
N LEU A 452 -24.55 -0.63 -0.35
CA LEU A 452 -25.97 -0.55 0.06
C LEU A 452 -26.26 0.67 0.94
N GLU A 453 -25.46 0.87 1.96
CA GLU A 453 -25.69 2.03 2.84
C GLU A 453 -25.55 3.33 2.07
N ALA A 454 -24.65 3.37 1.13
CA ALA A 454 -24.51 4.55 0.28
C ALA A 454 -25.74 4.88 -0.60
N VAL A 455 -26.29 3.85 -1.22
CA VAL A 455 -27.57 3.95 -1.98
C VAL A 455 -28.61 4.49 -1.07
N LYS A 456 -28.74 3.91 0.12
CA LYS A 456 -29.81 4.39 0.98
C LYS A 456 -29.63 5.81 1.41
N ALA A 457 -28.37 6.25 1.59
CA ALA A 457 -28.05 7.68 1.87
C ALA A 457 -28.28 8.62 0.74
N ALA A 458 -28.31 8.08 -0.49
CA ALA A 458 -28.31 8.96 -1.64
C ALA A 458 -29.74 9.19 -2.18
N VAL A 459 -30.63 8.19 -2.11
CA VAL A 459 -31.88 8.21 -2.87
C VAL A 459 -32.92 9.12 -2.21
N ASP A 460 -33.86 9.56 -3.03
CA ASP A 460 -35.04 10.31 -2.53
C ASP A 460 -35.71 9.53 -1.41
N PRO A 461 -36.34 10.23 -0.43
CA PRO A 461 -36.95 9.44 0.67
C PRO A 461 -38.12 8.56 0.24
N SER A 462 -38.80 8.93 -0.86
CA SER A 462 -39.85 8.08 -1.43
C SER A 462 -39.33 6.83 -2.14
N THR A 463 -38.03 6.73 -2.43
CA THR A 463 -37.49 5.53 -3.10
C THR A 463 -37.39 4.35 -2.12
N VAL A 464 -38.09 3.27 -2.38
CA VAL A 464 -37.94 2.04 -1.54
C VAL A 464 -36.70 1.20 -1.99
N VAL A 465 -35.84 0.86 -1.05
CA VAL A 465 -34.62 0.16 -1.39
C VAL A 465 -34.75 -1.22 -0.84
N VAL A 466 -34.64 -2.23 -1.67
CA VAL A 466 -34.69 -3.61 -1.28
C VAL A 466 -33.31 -4.19 -1.48
N PHE A 467 -32.79 -4.85 -0.44
CA PHE A 467 -31.51 -5.53 -0.53
C PHE A 467 -31.79 -7.01 -0.70
N ALA A 468 -31.14 -7.66 -1.65
CA ALA A 468 -31.12 -9.09 -1.66
C ALA A 468 -29.75 -9.55 -2.16
N GLU A 469 -29.07 -10.39 -1.40
CA GLU A 469 -27.72 -10.74 -1.77
C GLU A 469 -27.59 -11.57 -3.04
N ASN A 470 -28.37 -12.65 -3.11
CA ASN A 470 -28.40 -13.52 -4.29
C ASN A 470 -29.85 -13.89 -4.65
N PRO A 471 -30.61 -12.88 -5.02
CA PRO A 471 -31.99 -13.16 -5.42
C PRO A 471 -32.02 -14.03 -6.68
N ASP A 472 -33.03 -14.88 -6.83
CA ASP A 472 -33.27 -15.56 -8.09
C ASP A 472 -34.08 -14.68 -9.04
N ALA A 473 -34.16 -15.18 -10.26
CA ALA A 473 -34.74 -14.48 -11.39
C ALA A 473 -36.18 -14.08 -11.10
N GLU A 474 -36.96 -15.00 -10.53
CA GLU A 474 -38.37 -14.72 -10.27
C GLU A 474 -38.58 -13.63 -9.21
N PHE A 475 -37.78 -13.61 -8.16
CA PHE A 475 -37.82 -12.58 -7.15
C PHE A 475 -37.61 -11.20 -7.86
N VAL A 476 -36.69 -11.15 -8.81
CA VAL A 476 -36.36 -9.84 -9.49
C VAL A 476 -37.49 -9.44 -10.42
N LYS A 477 -37.96 -10.41 -11.20
CA LYS A 477 -39.08 -10.12 -12.13
C LYS A 477 -40.38 -9.71 -11.41
N SER A 478 -40.61 -10.21 -10.21
CA SER A 478 -41.88 -9.92 -9.52
C SER A 478 -41.81 -8.69 -8.66
N GLY A 479 -40.62 -8.09 -8.51
CA GLY A 479 -40.40 -7.07 -7.49
C GLY A 479 -40.94 -5.72 -7.82
N GLY A 480 -41.12 -5.43 -9.09
CA GLY A 480 -41.58 -4.10 -9.50
C GLY A 480 -40.43 -3.07 -9.37
N PHE A 481 -39.20 -3.47 -9.71
CA PHE A 481 -38.03 -2.59 -9.51
C PHE A 481 -37.87 -1.67 -10.68
N SER A 482 -37.53 -0.40 -10.47
CA SER A 482 -37.18 0.44 -11.63
C SER A 482 -35.85 0.10 -12.24
N TYR A 483 -34.92 -0.42 -11.44
CA TYR A 483 -33.56 -0.81 -11.81
C TYR A 483 -32.90 -1.52 -10.63
N ALA A 484 -31.77 -2.11 -10.91
CA ALA A 484 -30.98 -2.74 -9.94
C ALA A 484 -29.52 -2.28 -10.02
N ILE A 485 -28.91 -2.24 -8.85
CA ILE A 485 -27.49 -2.04 -8.70
C ILE A 485 -26.95 -3.30 -8.13
N VAL A 486 -26.06 -3.96 -8.87
CA VAL A 486 -25.62 -5.26 -8.42
C VAL A 486 -24.11 -5.31 -8.32
N ALA A 487 -23.58 -5.65 -7.14
CA ALA A 487 -22.12 -5.57 -6.89
C ALA A 487 -21.54 -6.96 -6.54
N VAL A 488 -20.51 -7.32 -7.29
CA VAL A 488 -19.87 -8.64 -7.14
C VAL A 488 -18.39 -8.49 -7.42
N GLY A 489 -17.59 -9.51 -7.18
CA GLY A 489 -16.20 -9.54 -7.69
C GLY A 489 -15.29 -10.35 -6.80
N GLU A 490 -14.05 -9.91 -6.67
CA GLU A 490 -13.06 -10.74 -5.98
C GLU A 490 -13.21 -10.71 -4.46
N HIS A 491 -12.79 -11.81 -3.85
CA HIS A 491 -12.53 -11.82 -2.42
C HIS A 491 -11.16 -11.21 -2.06
N PRO A 492 -10.99 -10.79 -0.82
CA PRO A 492 -9.68 -10.23 -0.53
C PRO A 492 -8.55 -11.21 -0.75
N TYR A 493 -7.38 -10.73 -1.13
CA TYR A 493 -6.26 -11.62 -1.25
C TYR A 493 -4.92 -10.88 -1.15
N THR A 494 -3.87 -11.70 -1.24
CA THR A 494 -2.48 -11.27 -1.40
C THR A 494 -1.70 -12.23 -2.28
N GLU A 495 -0.39 -12.05 -2.24
CA GLU A 495 0.55 -12.80 -3.07
C GLU A 495 0.36 -14.31 -3.01
N THR A 496 0.16 -14.84 -1.82
CA THR A 496 0.16 -16.30 -1.71
C THR A 496 -1.11 -16.87 -1.11
N LYS A 497 -2.12 -16.05 -0.89
CA LYS A 497 -3.29 -16.53 -0.19
C LYS A 497 -4.55 -16.04 -0.89
N GLY A 498 -5.31 -16.98 -1.47
CA GLY A 498 -6.59 -16.66 -2.13
C GLY A 498 -6.43 -15.98 -3.49
N ASP A 499 -5.22 -16.05 -4.06
CA ASP A 499 -5.00 -15.55 -5.41
C ASP A 499 -5.47 -16.56 -6.52
N ASN A 500 -6.73 -16.48 -6.95
CA ASN A 500 -7.22 -17.33 -8.06
C ASN A 500 -6.63 -16.91 -9.40
N LEU A 501 -5.63 -17.67 -9.88
CA LEU A 501 -4.92 -17.41 -11.14
C LEU A 501 -5.78 -17.59 -12.42
N ASN A 502 -6.96 -18.17 -12.31
CA ASN A 502 -7.95 -18.12 -13.40
C ASN A 502 -8.48 -16.72 -13.68
N LEU A 503 -8.36 -15.78 -12.73
CA LEU A 503 -8.96 -14.42 -12.84
C LEU A 503 -10.44 -14.39 -13.14
N THR A 504 -11.19 -15.31 -12.53
CA THR A 504 -12.64 -15.37 -12.70
C THR A 504 -13.28 -15.14 -11.33
N ILE A 505 -14.35 -14.40 -11.29
CA ILE A 505 -14.81 -14.05 -9.98
C ILE A 505 -15.51 -15.25 -9.35
N PRO A 506 -15.42 -15.37 -8.02
CA PRO A 506 -16.07 -16.46 -7.28
C PRO A 506 -17.55 -16.44 -7.53
N GLU A 507 -18.17 -17.62 -7.48
CA GLU A 507 -19.63 -17.70 -7.57
C GLU A 507 -20.19 -17.69 -6.16
N PRO A 508 -21.46 -17.28 -6.00
CA PRO A 508 -22.28 -16.70 -7.05
C PRO A 508 -21.82 -15.27 -7.26
N GLY A 509 -21.81 -14.86 -8.50
CA GLY A 509 -21.31 -13.58 -8.84
C GLY A 509 -21.95 -13.33 -10.16
N LEU A 510 -21.40 -13.99 -11.17
CA LEU A 510 -21.97 -14.02 -12.50
C LEU A 510 -23.42 -14.45 -12.44
N SER A 511 -23.72 -15.50 -11.68
CA SER A 511 -25.12 -15.96 -11.68
C SER A 511 -26.09 -14.92 -11.08
N THR A 512 -25.63 -14.13 -10.11
CA THR A 512 -26.44 -13.08 -9.51
C THR A 512 -26.67 -11.96 -10.54
N VAL A 513 -25.60 -11.54 -11.21
CA VAL A 513 -25.72 -10.58 -12.27
C VAL A 513 -26.73 -11.03 -13.33
N GLN A 514 -26.66 -12.26 -13.78
CA GLN A 514 -27.54 -12.78 -14.82
C GLN A 514 -28.99 -12.83 -14.36
N ALA A 515 -29.20 -13.31 -13.14
CA ALA A 515 -30.50 -13.34 -12.59
C ALA A 515 -31.09 -11.94 -12.41
N VAL A 516 -30.28 -10.98 -11.92
CA VAL A 516 -30.78 -9.61 -11.74
C VAL A 516 -30.97 -8.96 -13.07
N CYS A 517 -29.95 -8.96 -13.89
CA CYS A 517 -30.01 -8.23 -15.16
C CYS A 517 -31.01 -8.86 -16.11
N GLY A 518 -31.27 -10.15 -15.92
CA GLY A 518 -32.32 -10.87 -16.63
C GLY A 518 -33.71 -10.36 -16.33
N GLY A 519 -33.94 -9.72 -15.21
CA GLY A 519 -35.29 -9.27 -14.98
C GLY A 519 -35.53 -7.79 -14.85
N VAL A 520 -34.47 -6.98 -14.77
CA VAL A 520 -34.57 -5.55 -14.70
C VAL A 520 -33.27 -4.90 -15.24
N ARG A 521 -33.35 -3.65 -15.73
CA ARG A 521 -32.16 -2.88 -16.21
C ARG A 521 -31.16 -2.80 -15.00
N CYS A 522 -29.92 -3.17 -15.22
CA CYS A 522 -28.93 -3.32 -14.12
C CYS A 522 -27.69 -2.53 -14.39
N ALA A 523 -27.19 -1.92 -13.29
CA ALA A 523 -25.83 -1.36 -13.23
C ALA A 523 -25.01 -2.34 -12.36
N THR A 524 -24.00 -2.93 -12.96
CA THR A 524 -23.15 -3.91 -12.31
C THR A 524 -21.88 -3.21 -11.85
N VAL A 525 -21.58 -3.36 -10.55
CA VAL A 525 -20.38 -2.76 -9.94
C VAL A 525 -19.43 -3.91 -9.63
N LEU A 526 -18.34 -3.94 -10.39
CA LEU A 526 -17.33 -4.96 -10.28
C LEU A 526 -16.23 -4.51 -9.30
N ILE A 527 -16.07 -5.27 -8.20
CA ILE A 527 -15.10 -4.97 -7.18
C ILE A 527 -14.00 -5.97 -7.45
N SER A 528 -12.82 -5.47 -7.76
CA SER A 528 -11.69 -6.39 -8.09
C SER A 528 -10.36 -5.66 -7.87
N GLY A 529 -9.29 -6.42 -7.70
CA GLY A 529 -7.93 -5.89 -7.54
C GLY A 529 -7.19 -5.70 -8.89
N ARG A 530 -7.89 -6.03 -9.96
CA ARG A 530 -7.32 -6.11 -11.27
C ARG A 530 -8.41 -6.45 -12.29
N PRO A 531 -8.05 -6.34 -13.58
CA PRO A 531 -8.92 -6.91 -14.62
C PRO A 531 -9.09 -8.38 -14.38
N VAL A 532 -10.30 -8.84 -14.62
CA VAL A 532 -10.65 -10.24 -14.47
C VAL A 532 -11.52 -10.60 -15.66
N VAL A 533 -11.79 -11.88 -15.85
CA VAL A 533 -12.60 -12.32 -16.96
C VAL A 533 -13.99 -11.68 -16.85
N VAL A 534 -14.35 -10.87 -17.86
CA VAL A 534 -15.46 -9.96 -17.76
C VAL A 534 -16.54 -10.08 -18.87
N GLN A 535 -16.25 -10.75 -19.99
CA GLN A 535 -17.25 -10.76 -21.07
C GLN A 535 -18.63 -11.20 -20.63
N PRO A 536 -18.76 -12.31 -19.91
CA PRO A 536 -20.08 -12.73 -19.41
C PRO A 536 -20.74 -11.71 -18.56
N LEU A 537 -19.98 -10.98 -17.72
CA LEU A 537 -20.57 -9.84 -16.96
C LEU A 537 -21.02 -8.71 -17.86
N LEU A 538 -20.20 -8.34 -18.86
CA LEU A 538 -20.58 -7.31 -19.82
C LEU A 538 -21.80 -7.69 -20.62
N ALA A 539 -21.81 -8.93 -21.16
CA ALA A 539 -22.90 -9.34 -22.02
C ALA A 539 -24.19 -9.21 -21.24
N ALA A 540 -24.17 -9.54 -19.95
CA ALA A 540 -25.44 -9.49 -19.23
C ALA A 540 -25.86 -8.07 -18.81
N SER A 541 -24.91 -7.16 -18.65
CA SER A 541 -25.17 -5.88 -17.93
C SER A 541 -25.58 -4.74 -18.90
N ASP A 542 -26.54 -3.95 -18.46
CA ASP A 542 -26.81 -2.70 -19.14
C ASP A 542 -25.62 -1.76 -18.98
N ALA A 543 -25.17 -1.56 -17.74
CA ALA A 543 -23.95 -0.79 -17.47
C ALA A 543 -23.03 -1.57 -16.59
N LEU A 544 -21.74 -1.30 -16.72
CA LEU A 544 -20.80 -2.00 -15.92
C LEU A 544 -19.69 -1.08 -15.49
N VAL A 545 -19.34 -1.13 -14.21
CA VAL A 545 -18.31 -0.24 -13.63
C VAL A 545 -17.22 -1.03 -12.94
N ALA A 546 -15.97 -0.75 -13.29
CA ALA A 546 -14.80 -1.34 -12.60
C ALA A 546 -14.45 -0.39 -11.48
N ALA A 547 -14.79 -0.79 -10.25
CA ALA A 547 -14.67 0.04 -9.08
C ALA A 547 -13.41 -0.27 -8.30
N TRP A 548 -12.71 -1.33 -8.73
CA TRP A 548 -11.45 -1.76 -8.16
C TRP A 548 -11.68 -2.19 -6.66
N LEU A 549 -10.83 -1.73 -5.75
CA LEU A 549 -10.98 -1.93 -4.28
C LEU A 549 -11.05 -0.55 -3.57
N PRO A 550 -12.26 0.05 -3.63
CA PRO A 550 -12.47 1.49 -3.39
C PRO A 550 -12.38 1.94 -1.93
N GLY A 551 -12.35 0.97 -1.00
CA GLY A 551 -12.07 1.30 0.37
C GLY A 551 -13.27 1.56 1.19
N SER A 552 -13.11 2.38 2.20
CA SER A 552 -14.13 2.47 3.24
C SER A 552 -15.31 3.33 2.76
N GLU A 553 -15.13 4.22 1.79
CA GLU A 553 -16.19 5.22 1.53
C GLU A 553 -17.01 4.86 0.31
N GLY A 554 -17.97 3.99 0.49
CA GLY A 554 -18.75 3.46 -0.62
C GLY A 554 -19.48 4.54 -1.37
N GLN A 555 -19.78 5.66 -0.68
CA GLN A 555 -20.46 6.75 -1.32
C GLN A 555 -19.77 7.28 -2.53
N GLY A 556 -18.47 7.02 -2.64
CA GLY A 556 -17.74 7.28 -3.89
C GLY A 556 -18.39 6.58 -5.07
N VAL A 557 -18.88 5.38 -4.86
CA VAL A 557 -19.48 4.60 -5.92
C VAL A 557 -20.79 5.23 -6.35
N THR A 558 -21.65 5.49 -5.38
CA THR A 558 -22.97 6.05 -5.69
C THR A 558 -22.94 7.50 -6.21
N ASP A 559 -21.90 8.25 -5.82
CA ASP A 559 -21.69 9.58 -6.34
C ASP A 559 -21.68 9.58 -7.87
N ALA A 560 -21.04 8.59 -8.47
CA ALA A 560 -21.04 8.51 -9.93
C ALA A 560 -22.31 7.80 -10.43
N LEU A 561 -22.77 6.76 -9.73
CA LEU A 561 -23.95 6.05 -10.20
C LEU A 561 -25.16 7.01 -10.32
N PHE A 562 -25.30 7.95 -9.39
CA PHE A 562 -26.50 8.77 -9.34
C PHE A 562 -26.21 10.15 -9.95
N GLY A 563 -25.07 10.32 -10.59
CA GLY A 563 -24.81 11.56 -11.33
C GLY A 563 -24.45 12.84 -10.53
N ASP A 564 -24.08 12.73 -9.26
CA ASP A 564 -23.55 13.89 -8.53
C ASP A 564 -22.25 14.31 -9.23
N PHE A 565 -21.48 13.36 -9.78
CA PHE A 565 -20.28 13.72 -10.52
C PHE A 565 -20.24 12.81 -11.72
N GLY A 566 -19.47 13.17 -12.75
CA GLY A 566 -19.40 12.30 -13.95
C GLY A 566 -18.32 11.25 -13.79
N PHE A 567 -18.38 10.14 -14.52
CA PHE A 567 -17.30 9.18 -14.54
C PHE A 567 -16.13 9.80 -15.29
N THR A 568 -14.90 9.70 -14.74
CA THR A 568 -13.66 10.21 -15.42
C THR A 568 -12.49 9.18 -15.36
N GLY A 569 -12.64 8.12 -14.56
CA GLY A 569 -11.63 7.11 -14.48
C GLY A 569 -11.26 6.49 -15.82
N ARG A 570 -9.99 6.12 -16.01
CA ARG A 570 -9.50 5.41 -17.20
C ARG A 570 -8.66 4.24 -16.79
N LEU A 571 -8.78 3.13 -17.52
CA LEU A 571 -8.05 1.94 -17.21
C LEU A 571 -6.55 2.25 -17.05
N PRO A 572 -5.95 1.92 -15.86
CA PRO A 572 -4.53 1.96 -15.60
C PRO A 572 -3.82 0.65 -15.99
N ARG A 573 -4.60 -0.34 -16.37
CA ARG A 573 -4.09 -1.61 -16.85
C ARG A 573 -4.84 -1.96 -18.13
N THR A 574 -4.20 -2.78 -18.94
CA THR A 574 -4.82 -3.46 -20.07
C THR A 574 -5.88 -4.51 -19.61
N TRP A 575 -7.06 -4.45 -20.20
CA TRP A 575 -8.04 -5.49 -19.99
C TRP A 575 -7.94 -6.55 -21.11
N PHE A 576 -7.49 -7.75 -20.72
CA PHE A 576 -7.31 -8.88 -21.61
C PHE A 576 -8.65 -9.49 -22.06
N LYS A 577 -8.58 -10.19 -23.18
CA LYS A 577 -9.72 -10.97 -23.60
C LYS A 577 -9.72 -12.31 -22.92
N SER A 578 -8.52 -12.83 -22.64
CA SER A 578 -8.40 -14.19 -22.12
C SER A 578 -7.13 -14.22 -21.31
N VAL A 579 -7.06 -15.05 -20.26
CA VAL A 579 -5.82 -15.15 -19.51
C VAL A 579 -4.67 -15.77 -20.33
N ASP A 580 -4.99 -16.55 -21.37
CA ASP A 580 -3.94 -17.21 -22.19
C ASP A 580 -3.09 -16.20 -22.91
N GLN A 581 -3.54 -14.94 -23.01
CA GLN A 581 -2.75 -13.88 -23.67
C GLN A 581 -1.71 -13.29 -22.74
N LEU A 582 -1.78 -13.59 -21.46
CA LEU A 582 -0.92 -12.89 -20.50
C LEU A 582 0.46 -13.55 -20.47
N PRO A 583 1.54 -12.76 -20.24
CA PRO A 583 1.45 -11.32 -19.91
C PRO A 583 1.18 -10.50 -21.17
N MET A 584 0.37 -9.47 -21.08
CA MET A 584 0.05 -8.65 -22.24
C MET A 584 -0.15 -7.23 -21.73
N ASN A 585 0.89 -6.42 -21.94
CA ASN A 585 0.93 -5.05 -21.53
C ASN A 585 0.99 -4.15 -22.73
N VAL A 586 0.59 -2.90 -22.48
CA VAL A 586 0.79 -1.87 -23.49
C VAL A 586 2.21 -1.96 -24.10
N GLY A 587 2.25 -1.87 -25.43
CA GLY A 587 3.49 -2.02 -26.19
C GLY A 587 3.87 -3.46 -26.52
N ASP A 588 3.08 -4.47 -26.16
CA ASP A 588 3.47 -5.88 -26.44
C ASP A 588 3.15 -6.22 -27.93
N ALA A 589 3.92 -7.15 -28.49
CA ALA A 589 3.99 -7.32 -29.94
C ALA A 589 2.65 -7.66 -30.51
N HIS A 590 1.87 -8.43 -29.78
CA HIS A 590 0.56 -8.81 -30.26
C HIS A 590 -0.53 -8.18 -29.36
N TYR A 591 -0.49 -6.86 -29.23
CA TYR A 591 -1.38 -6.16 -28.30
C TYR A 591 -2.83 -6.35 -28.80
N ASP A 592 -3.60 -7.27 -28.20
CA ASP A 592 -4.98 -7.58 -28.60
C ASP A 592 -5.98 -7.46 -27.44
N PRO A 593 -6.19 -6.24 -26.94
CA PRO A 593 -6.97 -6.15 -25.67
C PRO A 593 -8.47 -6.23 -25.87
N LEU A 594 -9.21 -6.66 -24.86
CA LEU A 594 -10.65 -6.37 -24.80
C LEU A 594 -10.85 -4.88 -24.59
N PHE A 595 -10.11 -4.28 -23.66
CA PHE A 595 -10.09 -2.82 -23.55
C PHE A 595 -8.66 -2.39 -23.33
N ARG A 596 -8.22 -1.44 -24.11
CA ARG A 596 -6.89 -1.02 -24.00
C ARG A 596 -6.69 -0.09 -22.76
N LEU A 597 -5.43 -0.08 -22.32
CA LEU A 597 -5.05 0.83 -21.31
C LEU A 597 -5.48 2.22 -21.71
N GLY A 598 -6.09 2.98 -20.77
CA GLY A 598 -6.58 4.36 -21.04
C GLY A 598 -8.07 4.45 -21.38
N TYR A 599 -8.71 3.33 -21.70
CA TYR A 599 -10.14 3.30 -21.99
C TYR A 599 -10.97 3.65 -20.80
N GLY A 600 -12.02 4.43 -21.08
CA GLY A 600 -13.02 4.73 -20.09
C GLY A 600 -14.12 5.58 -20.66
N LEU A 601 -15.38 5.20 -20.42
CA LEU A 601 -16.51 5.97 -20.89
C LEU A 601 -16.70 7.09 -19.89
N THR A 602 -17.39 8.16 -20.30
CA THR A 602 -17.73 9.26 -19.35
C THR A 602 -19.22 9.51 -19.25
N THR A 603 -19.61 10.22 -18.20
CA THR A 603 -20.94 10.78 -18.10
C THR A 603 -20.72 12.20 -17.64
N ASN A 604 -21.78 12.97 -17.76
CA ASN A 604 -21.84 14.31 -17.19
C ASN A 604 -22.57 14.27 -15.84
N ALA A 605 -22.16 15.11 -14.91
CA ALA A 605 -22.99 15.32 -13.72
C ALA A 605 -24.46 15.74 -14.08
N THR A 606 -25.49 15.18 -13.41
CA THR A 606 -26.91 15.65 -13.56
C THR A 606 -27.35 16.50 -12.38
C1 GOL B . 27.58 -2.55 25.08
O1 GOL B . 26.89 -1.32 24.85
C2 GOL B . 27.01 -3.57 26.07
O2 GOL B . 26.06 -4.47 25.47
C3 GOL B . 26.50 -2.79 27.31
O3 GOL B . 25.58 -3.45 28.17
C1 GOL C . 6.39 -9.11 -3.48
O1 GOL C . 5.89 -9.86 -2.35
C2 GOL C . 7.82 -8.55 -3.32
O2 GOL C . 8.67 -9.37 -4.13
C3 GOL C . 8.15 -8.46 -1.83
O3 GOL C . 9.54 -8.26 -1.53
C1 GOL D . -18.33 6.82 7.11
O1 GOL D . -18.22 6.02 5.89
C2 GOL D . -19.56 7.75 7.23
O2 GOL D . -19.60 8.82 6.24
C3 GOL D . -19.58 8.33 8.65
O3 GOL D . -18.67 9.44 8.76
C1 LAM E . 5.88 -8.38 3.45
C2 LAM E . 5.58 -7.43 2.32
O2 LAM E . 6.36 -7.91 1.20
C3 LAM E . 5.95 -6.01 2.58
O3 LAM E . 5.39 -5.25 1.50
C4 LAM E . 5.52 -5.47 3.95
O4 LAM E . 5.95 -4.10 4.10
C5 LAM E . 6.18 -6.34 5.01
O5 LAM E . 5.76 -7.69 4.76
C6 LAM E . 5.74 -5.85 6.44
O6 LAM E . 4.35 -6.21 6.78
C1A LAM E . 5.46 -13.33 5.37
C2A LAM E . 5.22 -12.40 4.21
C3A LAM E . 5.26 -10.94 4.59
C4A LAM E . 4.31 -10.76 5.74
C5A LAM E . 4.37 -11.84 6.87
C6A LAM E . 3.12 -11.89 7.73
O1A LAM E . 5.40 -14.65 4.83
O2A LAM E . 6.19 -12.65 3.18
O4A LAM E . 4.57 -9.46 6.26
S3A LAM E . 4.92 -9.89 3.12
O5A LAM E . 4.45 -13.16 6.37
O6A LAM E . 2.94 -10.61 8.33
C13 1PE F . 0.59 0.35 -1.97
C23 1PE F . 0.14 -0.71 -1.00
OH4 1PE F . 1.38 1.37 -1.37
C14 1PE F . 0.99 3.63 -0.47
C24 1PE F . 0.80 2.66 -1.62
OH5 1PE F . -0.09 4.52 -0.13
C15 1PE F . -1.22 5.38 2.01
C25 1PE F . 0.00 4.77 1.30
OH6 1PE F . -2.50 5.11 1.41
C16 1PE F . -3.62 5.13 -0.77
C26 1PE F . -2.37 5.43 0.01
OH7 1PE F . -3.42 3.93 -1.53
OH2 1PE G . 7.29 -9.55 -25.70
C12 1PE G . 6.36 -8.57 -26.18
C22 1PE G . 7.06 -7.38 -26.84
OH3 1PE G . 7.27 -6.16 -26.07
C13 1PE G . 8.58 -4.01 -26.21
C23 1PE G . 7.86 -5.16 -26.92
OH4 1PE G . 8.34 -2.84 -27.02
C14 1PE G . 8.18 -1.13 -25.20
C24 1PE G . 8.89 -1.61 -26.48
C14 1PE H . 3.76 10.97 -17.38
OH5 1PE H . 5.15 10.73 -17.10
C15 1PE H . 7.09 11.22 -15.65
C25 1PE H . 5.55 11.10 -15.77
OH6 1PE H . 7.59 12.07 -14.58
C16 1PE H . 7.17 13.29 -12.44
C26 1PE H . 7.02 11.98 -13.26
OH7 1PE H . 6.94 13.11 -10.99
C14 1PE I . 7.42 -12.81 -21.63
C24 1PE I . 6.68 -13.87 -22.44
OH5 1PE I . 7.89 -11.76 -22.50
C15 1PE I . 6.58 -9.69 -22.36
C25 1PE I . 7.85 -10.44 -21.94
OH6 1PE I . 5.89 -9.17 -21.21
C16 1PE I . 7.05 -7.22 -20.40
C26 1PE I . 5.80 -7.72 -21.13
OH7 1PE I . 6.80 -7.22 -19.00
OH2 1PE J . 14.08 -10.01 30.27
C12 1PE J . 14.99 -9.90 29.17
C22 1PE J . 14.28 -10.45 27.96
OH3 1PE J . 15.07 -11.39 27.27
C13 1PE J . 15.87 -13.62 27.02
C23 1PE J . 14.95 -12.71 27.82
OH4 1PE J . 16.04 -13.06 25.69
C14 1PE J . 17.68 -11.48 24.89
C24 1PE J . 17.38 -12.93 25.22
OH5 1PE J . 18.46 -11.49 23.71
C15 1PE J . 20.34 -10.68 22.44
C25 1PE J . 19.61 -10.68 23.76
OH6 1PE J . 21.58 -11.45 22.54
C16 1PE J . 23.71 -11.51 21.40
C26 1PE J . 22.26 -11.39 21.28
OH7 1PE J . 23.71 -12.46 22.48
OH2 1PE K . 33.24 4.20 21.05
OH2 1PE K . 31.67 3.41 24.25
C12 1PE K . 33.43 3.56 22.31
C12 1PE K . 32.37 3.20 23.02
C22 1PE K . 32.56 4.32 23.29
C22 1PE K . 33.58 4.14 22.96
OH3 1PE K . 33.18 5.55 23.65
OH3 1PE K . 33.21 5.42 23.51
C13 1PE K . 33.39 7.91 23.19
C23 1PE K . 33.44 6.49 22.59
OH4 1PE K . 34.50 8.71 22.74
C24 1PE K . 34.12 9.82 21.91
OH2 1PE L . 23.38 18.52 7.90
C12 1PE L . 22.09 19.01 7.48
C22 1PE L . 21.61 20.36 8.07
OH3 1PE L . 20.47 20.30 8.97
C23 1PE L . 19.61 21.46 8.86
OH2 1PE M . 26.03 8.24 4.00
C12 1PE M . 26.56 7.11 4.72
C22 1PE M . 28.09 6.95 4.53
OH3 1PE M . 28.76 7.37 5.71
C13 1PE M . 30.03 6.56 7.73
C23 1PE M . 29.69 6.41 6.24
OH4 1PE M . 30.92 7.64 7.78
C14 1PE M . 30.20 9.68 6.53
C24 1PE M . 30.29 8.95 7.85
OH5 1PE M . 28.80 9.95 6.20
C15 1PE M . 28.43 12.45 6.45
C25 1PE M . 28.53 11.20 5.53
C ACT N . 6.19 2.41 -20.87
O ACT N . 6.33 3.62 -21.21
OXT ACT N . 5.14 1.95 -20.33
CH3 ACT N . 7.33 1.47 -21.11
C ACT O . 9.84 8.05 -21.59
O ACT O . 10.60 8.80 -20.93
OXT ACT O . 8.74 7.65 -21.11
CH3 ACT O . 10.21 7.57 -22.97
C ACT P . -22.98 -1.02 -27.83
O ACT P . -23.15 -1.71 -26.81
OXT ACT P . -23.22 0.23 -27.83
CH3 ACT P . -22.46 -1.73 -29.05
C ACT Q . 24.71 -19.81 -0.44
O ACT Q . 23.81 -20.39 0.23
OXT ACT Q . 24.40 -19.18 -1.49
CH3 ACT Q . 26.15 -19.89 0.04
C ACT R . -33.53 12.18 -10.24
O ACT R . -34.52 11.64 -9.63
OXT ACT R . -33.65 12.58 -11.45
CH3 ACT R . -32.13 12.29 -9.64
C ACT S . -14.27 17.28 -9.25
O ACT S . -14.13 16.94 -8.03
OXT ACT S . -13.53 16.79 -10.13
CH3 ACT S . -15.33 18.27 -9.68
C ACT T . 1.26 -21.08 -16.29
O ACT T . 1.12 -20.71 -15.12
OXT ACT T . 0.91 -20.36 -17.25
CH3 ACT T . 1.89 -22.43 -16.56
C ACT U . 9.77 -17.33 12.31
O ACT U . 10.10 -16.54 13.17
OXT ACT U . 8.62 -17.29 11.84
CH3 ACT U . 10.80 -18.31 11.83
C ACT V . 30.19 -12.54 0.09
O ACT V . 31.17 -11.76 0.13
OXT ACT V . 29.04 -12.20 0.48
CH3 ACT V . 30.40 -13.94 -0.45
C ACT W . -10.80 -0.92 -27.15
O ACT W . -10.28 -0.09 -26.34
OXT ACT W . -12.07 -0.92 -27.34
CH3 ACT W . -9.94 -1.91 -27.90
C ACT X . 32.72 -1.19 20.90
O ACT X . 32.92 -0.39 21.85
OXT ACT X . 31.89 -2.10 21.12
CH3 ACT X . 33.44 -1.10 19.56
C ACT Y . -0.59 10.44 -14.75
O ACT Y . -1.09 10.86 -13.76
OXT ACT Y . 0.15 11.13 -15.52
CH3 ACT Y . -0.93 9.04 -14.90
C ACT Z . 26.09 -1.32 -10.96
O ACT Z . 26.21 -0.16 -10.45
OXT ACT Z . 24.97 -1.84 -11.28
CH3 ACT Z . 27.35 -2.12 -11.21
#